data_6G21
#
_entry.id   6G21
#
_cell.length_a   119.472
_cell.length_b   119.472
_cell.length_c   142.850
_cell.angle_alpha   90.00
_cell.angle_beta   90.00
_cell.angle_gamma   120.00
#
_symmetry.space_group_name_H-M   'P 63'
#
loop_
_entity.id
_entity.type
_entity.pdbx_description
1 polymer 'Probable feruloyl esterase B-2'
2 branched 2-acetamido-2-deoxy-beta-D-glucopyranose-(1-4)-2-acetamido-2-deoxy-beta-D-glucopyranose
3 non-polymer 2-acetamido-2-deoxy-beta-D-glucopyranose
4 non-polymer '3-(4-HYDROXY-3-METHOXYPHENYL)-2-PROPENOIC ACID'
5 non-polymer 'SULFATE ION'
6 non-polymer 'CALCIUM ION'
7 water water
#
_entity_poly.entity_id   1
_entity_poly.type   'polypeptide(L)'
_entity_poly.pdbx_seq_one_letter_code
;SQDTFQGKCTGFADKINLPNVRVNFVNYVPGGTNLSLPDNPTSCGTTSQVVSEDVCRIAMAVATSNSSEITLEAWLPQNY
TGRFLSTGNGGLSGCIQYYDLAYTSGLGFATVGANSGHNGTSGEPFYHHPEVLEDFVHRSVHTGVVVGKQLTKLFYEEGF
KKSYYLGCSTGGRQGFKSVQKYPNDFDGVVAGAPAFNMINLMSWSAHFYSITGPVGSDTYLSPDLWNITHKEILRQCDGI
DGAEDGIIEDPSLCSPVLEAIICKPGQNTTECLTGKQAHTVREIFSPLYGVNGTLLYPRMQPGSEVMASSIMYNGQPFQY
SADWYRYVVYENPNWDATKFSVRDAAVALKQNPFNLQTWDADISSFRKAGGKVLTYHGLMDQLISSENSKLYYARVAETM
NVPPEELDEFYRFFQISGMAHCSGGDGAYGIGNQLVTYNDANPENNVLMAMVQWVEKGIAPETIRGAKFTNGTGSAVEYT
RKHCRYPRRNVYKGPGNYTDENAWQCV
;
_entity_poly.pdbx_strand_id   A,B
#
loop_
_chem_comp.id
_chem_comp.type
_chem_comp.name
_chem_comp.formula
CA non-polymer 'CALCIUM ION' 'Ca 2'
FER non-polymer '3-(4-HYDROXY-3-METHOXYPHENYL)-2-PROPENOIC ACID' 'C10 H10 O4'
NAG D-saccharide, beta linking 2-acetamido-2-deoxy-beta-D-glucopyranose 'C8 H15 N O6'
SO4 non-polymer 'SULFATE ION' 'O4 S -2'
#
# COMPACT_ATOMS: atom_id res chain seq x y z
N THR A 4 20.98 4.33 -11.23
CA THR A 4 19.65 3.79 -10.75
C THR A 4 19.33 4.14 -9.25
N PHE A 5 18.04 4.23 -8.93
CA PHE A 5 17.62 4.52 -7.55
C PHE A 5 18.08 3.39 -6.60
N GLN A 6 17.87 2.11 -7.01
CA GLN A 6 18.34 0.95 -6.23
C GLN A 6 19.83 1.04 -5.97
N GLY A 7 20.58 1.35 -7.01
CA GLY A 7 22.04 1.45 -6.92
C GLY A 7 22.45 2.58 -6.00
N LYS A 8 21.76 3.72 -6.07
CA LYS A 8 22.04 4.79 -5.13
C LYS A 8 21.82 4.30 -3.68
N CYS A 9 20.73 3.60 -3.47
CA CYS A 9 20.40 3.06 -2.15
C CYS A 9 21.44 2.02 -1.65
N THR A 10 21.79 1.04 -2.48
CA THR A 10 22.76 0.00 -2.10
C THR A 10 24.13 0.59 -1.93
N GLY A 11 24.42 1.72 -2.53
CA GLY A 11 25.71 2.39 -2.30
C GLY A 11 25.68 3.38 -1.14
N PHE A 12 24.52 3.55 -0.50
CA PHE A 12 24.35 4.70 0.43
C PHE A 12 25.00 4.47 1.79
N ALA A 13 25.01 3.23 2.28
CA ALA A 13 25.64 2.97 3.56
C ALA A 13 27.08 3.48 3.63
N ASP A 14 27.82 3.37 2.52
CA ASP A 14 29.20 3.84 2.51
C ASP A 14 29.32 5.34 2.58
N LYS A 15 28.28 6.06 2.16
CA LYS A 15 28.31 7.50 2.22
C LYS A 15 27.92 8.06 3.61
N ILE A 16 27.45 7.21 4.53
CA ILE A 16 26.99 7.70 5.85
C ILE A 16 28.10 7.60 6.87
N ASN A 17 28.50 8.74 7.44
CA ASN A 17 29.50 8.79 8.46
C ASN A 17 29.17 9.89 9.47
N LEU A 18 28.35 9.54 10.48
CA LEU A 18 27.82 10.59 11.40
C LEU A 18 28.23 10.27 12.80
N PRO A 19 28.66 11.27 13.56
CA PRO A 19 29.08 10.98 14.92
C PRO A 19 27.95 10.39 15.78
N ASN A 20 28.25 9.37 16.58
CA ASN A 20 27.33 8.66 17.46
C ASN A 20 26.11 8.00 16.77
N VAL A 21 26.22 7.78 15.47
CA VAL A 21 25.22 7.13 14.67
C VAL A 21 25.81 5.84 14.15
N ARG A 22 25.15 4.75 14.47
CA ARG A 22 25.54 3.46 13.89
C ARG A 22 24.47 3.08 12.89
N VAL A 23 24.88 2.82 11.65
CA VAL A 23 23.95 2.31 10.64
C VAL A 23 23.75 0.83 10.86
N ASN A 24 22.50 0.39 11.06
CA ASN A 24 22.21 -1.03 11.25
C ASN A 24 22.09 -1.72 9.89
N PHE A 25 21.34 -1.11 8.97
CA PHE A 25 21.30 -1.53 7.58
C PHE A 25 20.67 -0.44 6.71
N VAL A 26 20.91 -0.58 5.41
CA VAL A 26 20.27 0.21 4.37
C VAL A 26 19.75 -0.78 3.34
N ASN A 27 18.45 -0.76 3.10
CA ASN A 27 17.80 -1.67 2.16
C ASN A 27 16.96 -0.89 1.15
N TYR A 28 16.93 -1.37 -0.09
CA TYR A 28 15.97 -0.93 -1.13
C TYR A 28 14.65 -1.66 -0.95
N VAL A 29 13.56 -0.94 -0.80
CA VAL A 29 12.27 -1.55 -0.54
C VAL A 29 11.34 -1.13 -1.65
N PRO A 30 11.02 -2.06 -2.58
CA PRO A 30 10.18 -1.61 -3.68
C PRO A 30 8.74 -1.48 -3.21
N GLY A 31 8.00 -0.65 -3.92
CA GLY A 31 6.58 -0.46 -3.66
C GLY A 31 5.85 -1.77 -3.76
N GLY A 32 4.90 -2.02 -2.87
CA GLY A 32 4.24 -3.32 -2.81
C GLY A 32 4.86 -4.29 -1.81
N THR A 33 6.01 -3.95 -1.24
CA THR A 33 6.62 -4.81 -0.25
C THR A 33 5.80 -4.80 1.05
N ASN A 34 5.66 -5.97 1.67
CA ASN A 34 5.00 -6.08 2.98
C ASN A 34 6.13 -6.34 3.96
N LEU A 35 6.67 -5.27 4.52
CA LEU A 35 7.87 -5.34 5.37
C LEU A 35 7.59 -6.19 6.60
N SER A 36 8.52 -7.08 6.90
CA SER A 36 8.49 -7.80 8.13
C SER A 36 9.31 -6.99 9.16
N LEU A 37 8.82 -6.87 10.38
CA LEU A 37 9.45 -6.08 11.41
C LEU A 37 9.66 -6.98 12.65
N PRO A 38 10.46 -8.05 12.50
CA PRO A 38 10.56 -9.07 13.57
C PRO A 38 11.09 -8.50 14.88
N ASP A 39 11.95 -7.49 14.81
CA ASP A 39 12.51 -6.84 16.00
C ASP A 39 11.62 -5.82 16.70
N ASN A 40 10.43 -5.55 16.17
CA ASN A 40 9.58 -4.49 16.74
C ASN A 40 9.20 -4.94 18.13
N PRO A 41 9.23 -4.04 19.13
CA PRO A 41 8.82 -4.44 20.51
C PRO A 41 7.43 -5.07 20.56
N THR A 42 7.33 -6.23 21.22
CA THR A 42 6.07 -7.01 21.18
C THR A 42 4.89 -6.17 21.66
N SER A 43 5.10 -5.33 22.66
CA SER A 43 4.01 -4.49 23.19
C SER A 43 3.50 -3.47 22.19
N CYS A 44 4.27 -3.17 21.12
CA CYS A 44 3.78 -2.27 20.08
C CYS A 44 2.64 -2.92 19.28
N GLY A 45 2.59 -4.25 19.21
CA GLY A 45 1.55 -4.96 18.43
C GLY A 45 1.46 -4.67 16.92
N THR A 46 2.62 -4.64 16.27
CA THR A 46 2.70 -4.48 14.82
C THR A 46 3.99 -5.17 14.45
N THR A 47 3.91 -6.25 13.66
CA THR A 47 5.14 -6.85 13.13
C THR A 47 5.31 -6.66 11.63
N SER A 48 4.42 -5.92 10.98
CA SER A 48 4.60 -5.68 9.56
C SER A 48 4.09 -4.32 9.12
N GLN A 49 4.53 -3.92 7.93
CA GLN A 49 4.03 -2.68 7.31
C GLN A 49 4.13 -2.77 5.81
N VAL A 50 3.01 -2.53 5.14
CA VAL A 50 3.03 -2.45 3.67
C VAL A 50 3.55 -1.08 3.27
N VAL A 51 4.50 -1.12 2.35
CA VAL A 51 5.13 0.04 1.81
C VAL A 51 4.65 0.11 0.35
N SER A 52 3.84 1.11 0.04
CA SER A 52 3.18 1.16 -1.27
C SER A 52 4.02 1.82 -2.35
N GLU A 53 5.07 2.60 -2.00
CA GLU A 53 5.94 3.23 -3.03
C GLU A 53 7.40 3.00 -2.75
N ASP A 54 8.24 2.94 -3.79
CA ASP A 54 9.68 2.65 -3.60
C ASP A 54 10.35 3.59 -2.56
N VAL A 55 11.02 3.02 -1.56
CA VAL A 55 11.91 3.83 -0.72
C VAL A 55 13.25 3.16 -0.53
N CYS A 56 14.22 3.99 -0.13
CA CYS A 56 15.47 3.55 0.44
C CYS A 56 15.33 3.67 1.97
N ARG A 57 15.48 2.53 2.65
CA ARG A 57 15.24 2.42 4.08
C ARG A 57 16.55 2.36 4.84
N ILE A 58 16.74 3.32 5.76
CA ILE A 58 17.95 3.38 6.58
C ILE A 58 17.51 3.19 8.00
N ALA A 59 18.15 2.25 8.71
CA ALA A 59 17.83 2.00 10.15
C ALA A 59 19.08 2.20 10.95
N MET A 60 18.96 2.93 12.05
CA MET A 60 20.11 3.34 12.83
C MET A 60 19.87 3.25 14.34
N ALA A 61 20.96 3.16 15.07
CA ALA A 61 20.97 3.28 16.52
C ALA A 61 21.79 4.53 16.73
N VAL A 62 21.23 5.54 17.40
CA VAL A 62 21.92 6.84 17.59
C VAL A 62 22.07 7.09 19.10
N ALA A 63 23.31 7.14 19.60
CA ALA A 63 23.54 7.41 21.03
C ALA A 63 23.21 8.88 21.34
N THR A 64 22.33 9.09 22.30
CA THR A 64 21.95 10.44 22.70
C THR A 64 22.67 10.90 23.98
N SER A 65 23.32 9.98 24.67
CA SER A 65 24.15 10.27 25.85
C SER A 65 24.90 8.98 26.09
N ASN A 66 25.78 8.95 27.07
CA ASN A 66 26.45 7.65 27.36
C ASN A 66 25.55 6.60 27.99
N SER A 67 24.30 6.94 28.31
CA SER A 67 23.39 5.90 28.83
C SER A 67 22.03 5.84 28.12
N SER A 68 21.95 6.42 26.92
CA SER A 68 20.72 6.44 26.18
C SER A 68 20.96 6.40 24.70
N GLU A 69 20.02 5.81 23.98
CA GLU A 69 20.05 5.77 22.51
C GLU A 69 18.67 5.69 21.95
N ILE A 70 18.52 6.13 20.71
CA ILE A 70 17.27 5.98 20.01
C ILE A 70 17.47 4.98 18.88
N THR A 71 16.43 4.26 18.52
CA THR A 71 16.33 3.63 17.20
C THR A 71 15.66 4.62 16.24
N LEU A 72 16.28 4.83 15.08
CA LEU A 72 15.86 5.81 14.12
C LEU A 72 15.73 5.18 12.72
N GLU A 73 14.57 5.39 12.11
CA GLU A 73 14.37 5.07 10.72
C GLU A 73 14.17 6.29 9.83
N ALA A 74 14.82 6.22 8.66
CA ALA A 74 14.67 7.20 7.58
C ALA A 74 14.26 6.47 6.28
N TRP A 75 13.13 6.89 5.71
CA TRP A 75 12.54 6.31 4.50
C TRP A 75 12.58 7.40 3.45
N LEU A 76 13.53 7.25 2.53
CA LEU A 76 13.77 8.20 1.47
C LEU A 76 13.14 7.68 0.17
N PRO A 77 12.03 8.32 -0.26
CA PRO A 77 11.29 7.85 -1.43
C PRO A 77 11.96 8.18 -2.77
N GLN A 78 11.70 7.31 -3.75
CA GLN A 78 12.14 7.53 -5.14
C GLN A 78 11.40 8.73 -5.69
N ASN A 79 10.09 8.76 -5.48
CA ASN A 79 9.26 9.83 -6.01
C ASN A 79 9.23 11.00 -4.99
N TYR A 80 10.30 11.78 -4.94
CA TYR A 80 10.56 12.71 -3.85
C TYR A 80 10.17 14.15 -4.25
N THR A 81 9.54 14.87 -3.34
CA THR A 81 8.98 16.18 -3.61
C THR A 81 9.83 17.33 -3.12
N GLY A 82 11.01 17.07 -2.55
CA GLY A 82 11.80 18.13 -1.96
C GLY A 82 11.41 18.54 -0.53
N ARG A 83 10.60 17.72 0.13
CA ARG A 83 10.08 17.99 1.47
C ARG A 83 10.56 16.95 2.49
N PHE A 84 11.13 17.45 3.59
CA PHE A 84 11.52 16.62 4.72
C PHE A 84 10.35 16.58 5.75
N LEU A 85 10.20 15.44 6.43
CA LEU A 85 9.18 15.30 7.46
C LEU A 85 9.61 14.37 8.61
N SER A 86 9.26 14.75 9.84
CA SER A 86 9.39 13.90 11.00
C SER A 86 8.02 13.46 11.51
N THR A 87 7.97 12.20 11.93
CA THR A 87 6.84 11.64 12.66
C THR A 87 7.22 11.62 14.17
N GLY A 88 6.31 11.10 14.98
CA GLY A 88 6.47 11.04 16.43
C GLY A 88 5.85 9.77 17.01
N ASN A 89 5.60 9.79 18.32
CA ASN A 89 5.20 8.60 19.08
C ASN A 89 3.72 8.66 19.58
N GLY A 90 3.33 7.65 20.39
CA GLY A 90 1.99 7.39 20.95
C GLY A 90 2.15 6.92 22.42
N GLY A 91 1.22 7.30 23.30
CA GLY A 91 1.28 6.83 24.71
C GLY A 91 2.62 7.15 25.39
N LEU A 92 3.11 6.23 26.21
CA LEU A 92 4.44 6.36 26.83
C LEU A 92 5.45 5.52 26.09
N SER A 93 5.12 5.26 24.83
CA SER A 93 5.78 4.27 24.04
C SER A 93 6.92 4.85 23.27
N GLY A 94 7.92 3.98 23.14
CA GLY A 94 8.73 3.94 22.00
C GLY A 94 8.16 2.85 21.14
N CYS A 95 7.30 3.33 20.23
CA CYS A 95 6.95 2.58 19.04
C CYS A 95 7.21 3.58 17.92
N ILE A 96 8.08 3.21 17.00
CA ILE A 96 8.12 3.93 15.73
C ILE A 96 6.78 3.71 15.04
N GLN A 97 6.21 4.75 14.49
CA GLN A 97 4.92 4.64 13.85
C GLN A 97 5.11 4.40 12.35
N TYR A 98 5.29 3.11 12.06
CA TYR A 98 5.63 2.67 10.73
C TYR A 98 4.51 2.98 9.81
N TYR A 99 3.29 3.01 10.32
CA TYR A 99 2.13 3.38 9.51
C TYR A 99 2.20 4.84 9.02
N ASP A 100 2.82 5.71 9.83
CA ASP A 100 3.02 7.10 9.44
C ASP A 100 4.17 7.21 8.48
N LEU A 101 5.26 6.45 8.71
CA LEU A 101 6.37 6.40 7.77
C LEU A 101 5.89 5.96 6.37
N ALA A 102 5.05 4.92 6.31
CA ALA A 102 4.49 4.46 5.00
C ALA A 102 3.64 5.55 4.36
N TYR A 103 2.80 6.19 5.17
CA TYR A 103 1.89 7.21 4.68
C TYR A 103 2.66 8.35 4.05
N THR A 104 3.61 8.94 4.79
CA THR A 104 4.20 10.20 4.36
C THR A 104 5.26 9.94 3.29
N SER A 105 6.01 8.85 3.43
CA SER A 105 6.93 8.47 2.32
C SER A 105 6.14 8.22 1.02
N GLY A 106 4.97 7.60 1.14
CA GLY A 106 4.08 7.33 -0.01
C GLY A 106 3.56 8.61 -0.68
N LEU A 107 3.48 9.69 0.08
CA LEU A 107 3.17 11.04 -0.45
C LEU A 107 4.41 11.83 -0.92
N GLY A 108 5.58 11.22 -0.96
CA GLY A 108 6.77 11.89 -1.47
C GLY A 108 7.69 12.62 -0.50
N PHE A 109 7.42 12.51 0.81
CA PHE A 109 8.25 13.13 1.85
C PHE A 109 9.41 12.22 2.24
N ALA A 110 10.61 12.82 2.33
CA ALA A 110 11.74 12.17 3.03
C ALA A 110 11.39 12.15 4.52
N THR A 111 11.18 10.95 5.06
CA THR A 111 10.52 10.81 6.38
C THR A 111 11.36 10.08 7.40
N VAL A 112 11.40 10.63 8.63
CA VAL A 112 11.98 9.93 9.78
C VAL A 112 10.98 9.64 10.90
N GLY A 113 11.34 8.64 11.69
CA GLY A 113 10.65 8.39 12.95
C GLY A 113 11.60 7.64 13.87
N ALA A 114 11.57 8.00 15.14
CA ALA A 114 12.43 7.42 16.14
C ALA A 114 11.58 6.82 17.25
N ASN A 115 12.15 5.94 18.05
CA ASN A 115 11.38 5.17 19.03
C ASN A 115 11.19 5.95 20.34
N SER A 116 11.63 7.23 20.39
CA SER A 116 11.46 8.09 21.61
C SER A 116 12.55 7.82 22.63
N GLY A 117 13.37 6.80 22.40
CA GLY A 117 14.44 6.55 23.33
C GLY A 117 14.30 5.30 24.14
N HIS A 118 13.30 4.49 23.84
CA HIS A 118 13.18 3.17 24.47
C HIS A 118 12.20 2.33 23.63
N ASN A 119 12.21 1.04 23.95
CA ASN A 119 11.36 0.07 23.30
C ASN A 119 10.16 -0.26 24.16
N GLY A 120 8.98 -0.14 23.53
CA GLY A 120 7.72 -0.68 24.12
C GLY A 120 6.86 0.39 24.77
N THR A 121 5.67 -0.04 25.21
CA THR A 121 4.59 0.87 25.70
C THR A 121 4.60 1.12 27.22
N SER A 122 5.39 0.36 27.94
CA SER A 122 5.63 0.59 29.34
C SER A 122 6.50 1.84 29.58
N GLY A 123 6.23 2.52 30.70
CA GLY A 123 7.12 3.57 31.25
C GLY A 123 8.34 3.10 32.06
N GLU A 124 8.46 1.79 32.25
CA GLU A 124 9.55 1.23 33.05
C GLU A 124 10.95 1.63 32.56
N PRO A 125 11.13 1.81 31.23
CA PRO A 125 12.48 2.20 30.86
C PRO A 125 12.92 3.57 31.36
N PHE A 126 11.97 4.44 31.79
CA PHE A 126 12.33 5.73 32.44
C PHE A 126 12.94 5.52 33.80
N TYR A 127 12.65 4.38 34.42
CA TYR A 127 12.98 4.14 35.83
C TYR A 127 14.50 4.20 36.07
N HIS A 128 14.92 5.17 36.89
CA HIS A 128 16.33 5.45 37.19
C HIS A 128 17.15 5.93 35.98
N HIS A 129 16.50 6.33 34.88
CA HIS A 129 17.23 6.66 33.67
C HIS A 129 16.79 8.01 33.14
N PRO A 130 17.23 9.10 33.80
CA PRO A 130 16.84 10.43 33.32
C PRO A 130 17.15 10.72 31.84
N GLU A 131 18.24 10.19 31.27
CA GLU A 131 18.56 10.47 29.87
C GLU A 131 17.53 9.83 28.91
N VAL A 132 17.01 8.66 29.27
CA VAL A 132 16.01 7.98 28.50
C VAL A 132 14.69 8.82 28.59
N LEU A 133 14.38 9.34 29.77
CA LEU A 133 13.20 10.19 29.89
C LEU A 133 13.39 11.49 29.07
N GLU A 134 14.56 12.10 29.16
CA GLU A 134 14.84 13.29 28.37
C GLU A 134 14.68 13.06 26.87
N ASP A 135 15.08 11.88 26.36
CA ASP A 135 14.80 11.54 24.95
C ASP A 135 13.29 11.58 24.63
N PHE A 136 12.48 10.98 25.48
CA PHE A 136 11.01 11.03 25.30
C PHE A 136 10.46 12.46 25.33
N VAL A 137 10.92 13.27 26.30
CA VAL A 137 10.40 14.64 26.45
C VAL A 137 10.70 15.51 25.22
N HIS A 138 11.94 15.51 24.76
CA HIS A 138 12.35 16.44 23.66
C HIS A 138 13.46 15.97 22.74
N ARG A 139 14.38 15.16 23.24
CA ARG A 139 15.64 14.96 22.49
C ARG A 139 15.56 13.91 21.37
N SER A 140 14.64 12.94 21.48
CA SER A 140 14.47 11.90 20.43
C SER A 140 14.00 12.52 19.10
N VAL A 141 12.90 13.24 19.16
CA VAL A 141 12.37 13.88 17.97
C VAL A 141 13.38 14.83 17.36
N HIS A 142 14.01 15.64 18.18
CA HIS A 142 14.97 16.62 17.66
C HIS A 142 16.19 15.94 17.03
N THR A 143 16.70 14.90 17.68
CA THR A 143 17.82 14.15 17.12
C THR A 143 17.48 13.54 15.73
N GLY A 144 16.28 13.01 15.60
CA GLY A 144 15.85 12.46 14.31
C GLY A 144 15.72 13.54 13.25
N VAL A 145 15.35 14.75 13.67
CA VAL A 145 15.28 15.85 12.71
C VAL A 145 16.67 16.21 12.22
N VAL A 146 17.62 16.36 13.16
CA VAL A 146 19.01 16.74 12.80
C VAL A 146 19.64 15.68 11.85
N VAL A 147 19.56 14.42 12.25
CA VAL A 147 20.12 13.33 11.45
C VAL A 147 19.36 13.13 10.13
N GLY A 148 18.04 13.21 10.19
CA GLY A 148 17.20 13.05 9.01
C GLY A 148 17.46 14.09 7.92
N LYS A 149 17.62 15.35 8.34
CA LYS A 149 17.95 16.43 7.42
C LYS A 149 19.32 16.17 6.77
N GLN A 150 20.30 15.75 7.58
CA GLN A 150 21.63 15.36 7.08
C GLN A 150 21.57 14.27 6.01
N LEU A 151 20.82 13.21 6.30
CA LEU A 151 20.65 12.09 5.38
C LEU A 151 19.94 12.53 4.10
N THR A 152 18.91 13.35 4.24
CA THR A 152 18.16 13.88 3.07
C THR A 152 19.11 14.65 2.11
N LYS A 153 19.91 15.54 2.67
CA LYS A 153 20.85 16.33 1.89
C LYS A 153 21.98 15.45 1.28
N LEU A 154 22.37 14.39 1.98
CA LEU A 154 23.36 13.47 1.44
C LEU A 154 22.80 12.69 0.26
N PHE A 155 21.56 12.27 0.35
CA PHE A 155 21.00 11.39 -0.61
C PHE A 155 20.53 12.11 -1.86
N TYR A 156 19.94 13.29 -1.71
CA TYR A 156 19.34 14.01 -2.84
C TYR A 156 20.15 15.26 -3.12
N GLU A 157 20.55 15.43 -4.39
CA GLU A 157 21.32 16.60 -4.83
C GLU A 157 20.53 17.85 -4.46
N GLU A 158 19.23 17.84 -4.70
CA GLU A 158 18.39 19.01 -4.41
C GLU A 158 18.20 19.30 -2.90
N GLY A 159 18.60 18.40 -1.99
CA GLY A 159 18.36 18.68 -0.56
C GLY A 159 16.86 18.68 -0.24
N PHE A 160 16.42 19.66 0.57
CA PHE A 160 14.99 19.85 0.91
C PHE A 160 14.70 21.33 0.94
N LYS A 161 13.49 21.71 0.53
CA LYS A 161 13.13 23.13 0.51
C LYS A 161 12.38 23.50 1.80
N LYS A 162 11.56 22.59 2.32
CA LYS A 162 10.84 22.85 3.57
C LYS A 162 10.81 21.60 4.43
N SER A 163 10.50 21.82 5.70
CA SER A 163 10.52 20.82 6.72
C SER A 163 9.17 20.77 7.46
N TYR A 164 8.63 19.57 7.61
CA TYR A 164 7.31 19.35 8.18
C TYR A 164 7.29 18.33 9.33
N TYR A 165 6.30 18.47 10.23
CA TYR A 165 6.09 17.52 11.32
C TYR A 165 4.68 16.97 11.25
N LEU A 166 4.52 15.66 11.44
CA LEU A 166 3.16 15.05 11.54
C LEU A 166 3.06 14.10 12.75
N GLY A 167 2.21 14.40 13.71
CA GLY A 167 2.02 13.51 14.87
C GLY A 167 0.75 13.79 15.62
N CYS A 168 0.32 12.82 16.43
CA CYS A 168 -0.94 12.95 17.17
C CYS A 168 -0.78 12.26 18.54
N SER A 169 -1.51 12.73 19.56
CA SER A 169 -1.42 12.17 20.93
C SER A 169 -0.08 12.63 21.63
N THR A 170 0.75 11.68 22.08
CA THR A 170 2.11 12.01 22.44
C THR A 170 2.77 12.74 21.28
N GLY A 171 2.48 12.30 20.05
CA GLY A 171 3.00 12.94 18.87
C GLY A 171 2.57 14.39 18.67
N GLY A 172 1.34 14.71 19.12
CA GLY A 172 0.84 16.08 19.17
C GLY A 172 1.64 16.92 20.15
N ARG A 173 1.96 16.31 21.30
CA ARG A 173 2.79 16.98 22.31
C ARG A 173 4.15 17.25 21.73
N GLN A 174 4.71 16.27 21.03
CA GLN A 174 6.05 16.43 20.49
C GLN A 174 6.09 17.49 19.39
N GLY A 175 4.99 17.65 18.65
CA GLY A 175 4.89 18.77 17.71
C GLY A 175 4.93 20.11 18.44
N PHE A 176 4.17 20.25 19.51
CA PHE A 176 4.26 21.47 20.33
C PHE A 176 5.55 21.68 21.09
N LYS A 177 6.22 20.61 21.51
CA LYS A 177 7.56 20.75 22.08
C LYS A 177 8.48 21.35 21.04
N SER A 178 8.34 20.91 19.79
CA SER A 178 9.13 21.49 18.69
C SER A 178 8.84 23.00 18.51
N VAL A 179 7.58 23.39 18.49
CA VAL A 179 7.14 24.78 18.34
C VAL A 179 7.71 25.59 19.47
N GLN A 180 7.63 25.05 20.70
CA GLN A 180 8.01 25.82 21.87
C GLN A 180 9.54 25.87 22.07
N LYS A 181 10.25 24.75 21.90
CA LYS A 181 11.70 24.68 22.19
C LYS A 181 12.62 24.73 20.98
N TYR A 182 12.18 24.19 19.85
CA TYR A 182 13.02 24.15 18.62
C TYR A 182 12.32 24.85 17.44
N PRO A 183 12.09 26.19 17.57
CA PRO A 183 11.28 26.90 16.58
C PRO A 183 11.79 26.80 15.15
N ASN A 184 13.07 26.51 14.99
CA ASN A 184 13.62 26.33 13.64
C ASN A 184 13.62 24.89 13.10
N ASP A 185 13.13 23.90 13.85
CA ASP A 185 13.16 22.52 13.32
C ASP A 185 12.22 22.34 12.12
N PHE A 186 11.04 22.98 12.19
CA PHE A 186 10.03 22.80 11.14
C PHE A 186 9.46 24.09 10.63
N ASP A 187 9.22 24.13 9.31
CA ASP A 187 8.44 25.19 8.68
C ASP A 187 6.93 25.06 8.92
N GLY A 188 6.46 23.82 8.96
CA GLY A 188 5.03 23.52 9.20
C GLY A 188 4.85 22.32 10.12
N VAL A 189 4.02 22.52 11.14
CA VAL A 189 3.80 21.51 12.16
C VAL A 189 2.32 21.13 12.19
N VAL A 190 2.03 19.83 12.08
CA VAL A 190 0.68 19.33 12.15
C VAL A 190 0.58 18.43 13.40
N ALA A 191 -0.12 18.94 14.42
CA ALA A 191 -0.12 18.35 15.75
C ALA A 191 -1.54 18.05 16.19
N GLY A 192 -1.87 16.78 16.27
CA GLY A 192 -3.22 16.36 16.66
C GLY A 192 -3.37 15.99 18.16
N ALA A 193 -4.56 16.30 18.73
CA ALA A 193 -4.98 15.85 20.07
C ALA A 193 -3.82 15.77 21.04
N PRO A 194 -3.19 16.91 21.28
CA PRO A 194 -1.87 16.90 21.88
C PRO A 194 -1.88 16.56 23.36
N ALA A 195 -0.94 15.68 23.74
CA ALA A 195 -0.70 15.35 25.14
C ALA A 195 0.15 16.38 25.87
N PHE A 196 0.04 17.64 25.48
CA PHE A 196 0.60 18.72 26.30
C PHE A 196 -0.24 18.98 27.56
N ASN A 197 0.28 19.82 28.48
CA ASN A 197 -0.18 19.82 29.87
C ASN A 197 -0.02 18.40 30.39
N MET A 198 1.09 17.77 30.02
CA MET A 198 1.26 16.33 30.14
C MET A 198 1.20 15.81 31.57
N ILE A 199 1.83 16.52 32.50
CA ILE A 199 1.88 16.03 33.89
C ILE A 199 0.46 16.02 34.45
N ASN A 200 -0.27 17.09 34.17
CA ASN A 200 -1.64 17.18 34.61
C ASN A 200 -2.57 16.20 33.90
N LEU A 201 -2.29 15.90 32.64
CA LEU A 201 -2.98 14.84 31.90
C LEU A 201 -2.87 13.49 32.63
N MET A 202 -1.67 13.16 33.12
CA MET A 202 -1.45 11.96 33.91
C MET A 202 -2.24 11.99 35.19
N SER A 203 -2.19 13.12 35.91
CA SER A 203 -3.00 13.26 37.12
C SER A 203 -4.53 13.10 36.87
N TRP A 204 -5.00 13.75 35.82
CA TRP A 204 -6.41 13.66 35.46
C TRP A 204 -6.76 12.22 35.04
N SER A 205 -5.91 11.58 34.27
CA SER A 205 -6.12 10.17 33.91
C SER A 205 -6.22 9.29 35.17
N ALA A 206 -5.31 9.50 36.13
CA ALA A 206 -5.31 8.78 37.39
C ALA A 206 -6.54 9.04 38.27
N HIS A 207 -7.08 10.26 38.23
CA HIS A 207 -8.22 10.65 39.13
C HIS A 207 -9.51 9.97 38.77
N PHE A 208 -9.63 9.42 37.55
CA PHE A 208 -10.90 8.70 37.18
C PHE A 208 -11.17 7.52 38.12
N TYR A 209 -10.12 6.79 38.48
CA TYR A 209 -10.27 5.65 39.42
C TYR A 209 -10.80 6.06 40.78
N SER A 210 -10.34 7.20 41.28
CA SER A 210 -10.76 7.76 42.57
C SER A 210 -12.24 8.12 42.51
N ILE A 211 -12.73 8.56 41.34
CA ILE A 211 -14.15 8.78 41.22
C ILE A 211 -14.99 7.47 41.12
N THR A 212 -14.67 6.59 40.18
CA THR A 212 -15.49 5.38 39.91
C THR A 212 -15.36 4.34 41.00
N GLY A 213 -14.17 4.23 41.58
CA GLY A 213 -13.87 3.06 42.40
C GLY A 213 -13.79 1.81 41.53
N PRO A 214 -13.59 0.64 42.16
CA PRO A 214 -13.39 -0.58 41.40
C PRO A 214 -14.67 -1.14 40.82
N VAL A 215 -14.52 -2.07 39.88
CA VAL A 215 -15.67 -2.75 39.28
C VAL A 215 -16.52 -3.33 40.42
N GLY A 216 -17.83 -3.18 40.34
CA GLY A 216 -18.69 -3.66 41.39
C GLY A 216 -18.93 -2.76 42.58
N SER A 217 -18.20 -1.65 42.75
CA SER A 217 -18.47 -0.76 43.90
C SER A 217 -19.73 0.09 43.59
N ASP A 218 -20.30 0.66 44.65
CA ASP A 218 -21.34 1.71 44.68
C ASP A 218 -21.21 2.87 43.68
N THR A 219 -19.98 3.25 43.42
CA THR A 219 -19.68 4.48 42.68
C THR A 219 -19.40 4.19 41.21
N TYR A 220 -19.29 2.91 40.86
CA TYR A 220 -18.87 2.46 39.53
C TYR A 220 -20.07 2.21 38.62
N LEU A 221 -19.89 2.49 37.33
CA LEU A 221 -20.88 2.20 36.29
C LEU A 221 -20.32 1.16 35.32
N SER A 222 -21.15 0.19 35.01
CA SER A 222 -20.83 -0.81 33.94
C SER A 222 -20.84 -0.18 32.56
N PRO A 223 -20.29 -0.88 31.55
CA PRO A 223 -20.39 -0.42 30.15
C PRO A 223 -21.81 -0.24 29.67
N ASP A 224 -22.71 -1.15 30.04
CA ASP A 224 -24.15 -0.94 29.77
C ASP A 224 -24.65 0.37 30.36
N LEU A 225 -24.31 0.69 31.60
CA LEU A 225 -24.81 1.97 32.15
C LEU A 225 -24.17 3.18 31.44
N TRP A 226 -22.91 3.07 31.02
CA TRP A 226 -22.25 4.13 30.22
C TRP A 226 -22.91 4.30 28.87
N ASN A 227 -23.43 3.22 28.31
CA ASN A 227 -24.24 3.33 27.08
C ASN A 227 -25.58 4.03 27.31
N ILE A 228 -26.28 3.66 28.38
CA ILE A 228 -27.49 4.40 28.84
C ILE A 228 -27.19 5.89 29.03
N THR A 229 -26.06 6.16 29.70
CA THR A 229 -25.67 7.53 29.98
C THR A 229 -25.39 8.28 28.65
N HIS A 230 -24.65 7.63 27.73
CA HIS A 230 -24.39 8.22 26.41
C HIS A 230 -25.68 8.63 25.70
N LYS A 231 -26.68 7.72 25.72
CA LYS A 231 -27.90 7.99 24.97
C LYS A 231 -28.66 9.19 25.58
N GLU A 232 -28.60 9.33 26.90
CA GLU A 232 -29.24 10.45 27.56
C GLU A 232 -28.47 11.78 27.28
N ILE A 233 -27.13 11.69 27.21
CA ILE A 233 -26.34 12.84 26.84
C ILE A 233 -26.72 13.33 25.44
N LEU A 234 -26.87 12.39 24.51
CA LEU A 234 -27.36 12.78 23.16
C LEU A 234 -28.78 13.36 23.22
N ARG A 235 -29.68 12.74 23.97
CA ARG A 235 -31.03 13.32 24.09
C ARG A 235 -30.89 14.79 24.51
N GLN A 236 -30.02 15.07 25.49
CA GLN A 236 -29.93 16.44 26.02
C GLN A 236 -29.11 17.37 25.15
N CYS A 237 -28.15 16.84 24.38
CA CYS A 237 -27.23 17.71 23.66
C CYS A 237 -27.11 17.59 22.12
N ASP A 238 -27.56 16.49 21.53
CA ASP A 238 -27.30 16.24 20.09
C ASP A 238 -27.87 17.38 19.23
N GLY A 239 -29.08 17.81 19.59
CA GLY A 239 -29.85 18.78 18.84
C GLY A 239 -29.47 20.24 19.04
N ILE A 240 -28.58 20.53 20.00
CA ILE A 240 -28.19 21.92 20.23
C ILE A 240 -27.59 22.54 18.96
N ASP A 241 -26.80 21.79 18.21
CA ASP A 241 -26.20 22.25 16.93
C ASP A 241 -27.18 22.36 15.74
N GLY A 242 -28.41 21.88 15.95
CA GLY A 242 -29.50 21.96 14.95
C GLY A 242 -29.73 20.68 14.18
N ALA A 243 -28.83 19.71 14.30
CA ALA A 243 -28.98 18.46 13.60
C ALA A 243 -29.04 17.29 14.58
N GLU A 244 -30.09 16.48 14.50
CA GLU A 244 -30.20 15.25 15.26
C GLU A 244 -29.54 14.12 14.51
N ASP A 245 -28.24 14.02 14.68
CA ASP A 245 -27.42 13.10 13.89
C ASP A 245 -26.58 12.21 14.78
N GLY A 246 -26.87 12.15 16.07
CA GLY A 246 -26.05 11.35 16.95
C GLY A 246 -24.66 11.95 17.27
N ILE A 247 -24.42 13.22 16.93
CA ILE A 247 -23.12 13.89 17.11
C ILE A 247 -23.28 15.22 17.85
N ILE A 248 -22.38 15.54 18.78
CA ILE A 248 -22.42 16.83 19.46
C ILE A 248 -21.38 17.73 18.76
N GLU A 249 -21.84 18.65 17.93
CA GLU A 249 -20.92 19.38 17.05
C GLU A 249 -19.92 20.27 17.80
N ASP A 250 -20.33 20.81 18.93
CA ASP A 250 -19.46 21.49 19.88
C ASP A 250 -19.93 21.25 21.29
N PRO A 251 -19.28 20.28 21.97
CA PRO A 251 -19.70 19.89 23.29
C PRO A 251 -19.45 20.90 24.38
N SER A 252 -18.78 22.00 24.07
CA SER A 252 -18.69 23.14 25.02
C SER A 252 -20.06 23.69 25.37
N LEU A 253 -21.06 23.53 24.51
CA LEU A 253 -22.43 23.93 24.85
C LEU A 253 -23.24 22.85 25.60
N CYS A 254 -22.66 21.66 25.76
CA CYS A 254 -23.31 20.54 26.40
C CYS A 254 -22.91 20.46 27.86
N SER A 255 -23.84 20.81 28.75
CA SER A 255 -23.66 20.63 30.19
C SER A 255 -24.72 19.68 30.71
N PRO A 256 -24.43 18.38 30.65
CA PRO A 256 -25.60 17.53 30.83
C PRO A 256 -25.96 17.35 32.29
N VAL A 257 -27.21 16.99 32.52
CA VAL A 257 -27.81 16.92 33.84
C VAL A 257 -28.28 15.45 33.98
N LEU A 258 -27.43 14.63 34.57
CA LEU A 258 -27.73 13.18 34.63
C LEU A 258 -28.56 12.70 35.77
N GLU A 259 -28.89 13.59 36.72
CA GLU A 259 -29.93 13.19 37.69
C GLU A 259 -31.24 12.81 36.96
N ALA A 260 -31.44 13.27 35.72
CA ALA A 260 -32.64 12.90 34.93
C ALA A 260 -32.81 11.39 34.79
N ILE A 261 -31.75 10.60 34.85
CA ILE A 261 -31.88 9.13 34.65
C ILE A 261 -31.57 8.31 35.91
N ILE A 262 -31.73 8.93 37.06
CA ILE A 262 -31.76 8.23 38.31
C ILE A 262 -33.02 7.31 38.33
N CYS A 263 -32.83 6.07 38.80
CA CYS A 263 -33.91 5.06 38.80
C CYS A 263 -35.16 5.56 39.50
N LYS A 264 -36.30 5.42 38.84
CA LYS A 264 -37.61 5.59 39.52
C LYS A 264 -37.97 4.29 40.20
N PRO A 265 -38.91 4.34 41.18
CA PRO A 265 -39.49 3.09 41.69
C PRO A 265 -40.12 2.26 40.56
N GLY A 266 -39.81 0.98 40.53
CA GLY A 266 -40.34 0.09 39.48
C GLY A 266 -39.57 0.16 38.15
N GLN A 267 -38.45 0.88 38.11
CA GLN A 267 -37.65 0.90 36.87
C GLN A 267 -36.59 -0.21 36.91
N ASN A 268 -36.38 -0.84 35.77
CA ASN A 268 -35.33 -1.85 35.64
C ASN A 268 -33.94 -1.22 35.95
N THR A 269 -33.32 -1.67 37.02
CA THR A 269 -31.98 -1.26 37.51
C THR A 269 -30.87 -1.28 36.47
N THR A 270 -31.06 -2.00 35.37
CA THR A 270 -30.06 -2.01 34.33
C THR A 270 -30.25 -0.85 33.35
N GLU A 271 -31.28 -0.06 33.47
CA GLU A 271 -31.44 1.05 32.54
C GLU A 271 -31.37 2.41 33.18
N CYS A 272 -30.88 2.51 34.40
CA CYS A 272 -30.86 3.81 35.07
C CYS A 272 -29.77 3.80 36.14
N LEU A 273 -29.54 4.97 36.73
CA LEU A 273 -28.43 5.18 37.68
C LEU A 273 -28.96 5.28 39.09
N THR A 274 -28.18 4.83 40.06
CA THR A 274 -28.44 5.25 41.42
C THR A 274 -27.95 6.72 41.61
N GLY A 275 -28.35 7.31 42.71
CA GLY A 275 -27.83 8.61 43.06
C GLY A 275 -26.30 8.68 43.12
N LYS A 276 -25.69 7.62 43.63
CA LYS A 276 -24.24 7.63 43.70
C LYS A 276 -23.63 7.61 42.37
N GLN A 277 -24.23 6.85 41.44
CA GLN A 277 -23.74 6.74 40.09
C GLN A 277 -23.91 8.08 39.36
N ALA A 278 -25.03 8.75 39.59
CA ALA A 278 -25.25 10.08 39.00
C ALA A 278 -24.13 11.08 39.46
N HIS A 279 -23.82 11.02 40.76
CA HIS A 279 -22.71 11.80 41.36
C HIS A 279 -21.39 11.48 40.69
N THR A 280 -21.14 10.20 40.45
CA THR A 280 -19.96 9.80 39.67
C THR A 280 -19.89 10.49 38.35
N VAL A 281 -20.98 10.40 37.59
CA VAL A 281 -21.03 11.03 36.27
C VAL A 281 -20.85 12.58 36.32
N ARG A 282 -21.50 13.24 37.29
CA ARG A 282 -21.38 14.69 37.42
C ARG A 282 -19.88 15.10 37.64
N GLU A 283 -19.16 14.33 38.46
CA GLU A 283 -17.75 14.53 38.74
C GLU A 283 -16.86 14.22 37.52
N ILE A 284 -17.20 13.18 36.78
CA ILE A 284 -16.48 12.88 35.54
C ILE A 284 -16.55 14.03 34.52
N PHE A 285 -17.66 14.78 34.50
CA PHE A 285 -17.73 15.95 33.61
C PHE A 285 -17.39 17.25 34.35
N SER A 286 -16.56 17.13 35.39
CA SER A 286 -16.03 18.25 36.11
C SER A 286 -14.51 18.27 35.99
N PRO A 287 -13.93 19.47 36.13
CA PRO A 287 -12.50 19.57 35.94
C PRO A 287 -11.70 18.99 37.13
N LEU A 288 -10.38 18.84 36.97
CA LEU A 288 -9.52 18.47 38.08
C LEU A 288 -8.81 19.72 38.55
N TYR A 289 -9.07 20.04 39.83
CA TYR A 289 -8.41 21.10 40.57
C TYR A 289 -7.47 20.52 41.62
N GLY A 290 -6.39 21.25 41.90
CA GLY A 290 -5.30 20.76 42.75
C GLY A 290 -5.30 21.36 44.13
N VAL A 291 -4.21 21.14 44.87
CA VAL A 291 -4.10 21.72 46.22
C VAL A 291 -4.12 23.24 45.95
N ASN A 292 -4.54 24.01 46.89
CA ASN A 292 -4.65 25.48 46.65
C ASN A 292 -5.78 25.90 45.71
N GLY A 293 -6.57 24.99 45.17
CA GLY A 293 -7.74 25.35 44.39
C GLY A 293 -7.41 25.91 43.03
N THR A 294 -6.32 25.44 42.42
CA THR A 294 -5.95 25.90 41.09
C THR A 294 -6.29 24.80 40.08
N LEU A 295 -6.61 25.19 38.87
CA LEU A 295 -7.03 24.30 37.81
C LEU A 295 -5.86 23.50 37.32
N LEU A 296 -5.97 22.17 37.26
CA LEU A 296 -4.96 21.33 36.64
C LEU A 296 -5.33 20.85 35.24
N TYR A 297 -6.58 20.39 35.06
CA TYR A 297 -6.99 19.83 33.76
C TYR A 297 -8.51 20.00 33.65
N PRO A 298 -8.98 20.41 32.48
CA PRO A 298 -10.40 20.62 32.33
C PRO A 298 -11.21 19.31 32.32
N ARG A 299 -12.52 19.45 32.35
CA ARG A 299 -13.40 18.28 32.24
C ARG A 299 -13.19 17.45 30.97
N MET A 300 -13.47 16.15 31.08
CA MET A 300 -13.80 15.28 29.92
C MET A 300 -14.99 15.89 29.20
N GLN A 301 -14.92 16.04 27.89
CA GLN A 301 -16.06 16.57 27.15
C GLN A 301 -17.10 15.48 26.96
N PRO A 302 -18.38 15.80 27.20
CA PRO A 302 -19.41 14.80 26.95
C PRO A 302 -19.43 14.31 25.50
N GLY A 303 -19.73 13.01 25.35
CA GLY A 303 -19.95 12.36 24.07
C GLY A 303 -18.99 11.21 23.80
N SER A 304 -17.96 11.08 24.65
CA SER A 304 -16.91 10.07 24.41
C SER A 304 -17.13 8.80 25.21
N GLU A 305 -18.32 8.64 25.76
CA GLU A 305 -18.58 7.61 26.77
C GLU A 305 -18.35 6.19 26.32
N VAL A 306 -18.72 5.81 25.09
CA VAL A 306 -18.59 4.35 24.81
C VAL A 306 -17.15 3.86 24.86
N MET A 307 -16.25 4.52 24.16
CA MET A 307 -14.83 4.11 24.23
C MET A 307 -14.20 4.52 25.59
N ALA A 308 -14.62 5.64 26.19
CA ALA A 308 -14.04 5.99 27.51
C ALA A 308 -14.37 5.00 28.64
N SER A 309 -15.57 4.41 28.61
CA SER A 309 -15.94 3.34 29.59
C SER A 309 -14.92 2.20 29.60
N SER A 310 -14.39 1.83 28.45
CA SER A 310 -13.39 0.76 28.36
C SER A 310 -12.01 1.18 28.81
N ILE A 311 -11.65 2.44 28.60
CA ILE A 311 -10.23 2.87 28.80
C ILE A 311 -10.02 3.69 30.06
N MET A 312 -10.97 4.59 30.37
CA MET A 312 -10.82 5.50 31.50
C MET A 312 -11.67 5.16 32.68
N TYR A 313 -12.85 4.60 32.44
CA TYR A 313 -13.84 4.37 33.50
C TYR A 313 -14.03 2.85 33.81
N ASN A 314 -13.02 2.07 33.50
CA ASN A 314 -13.11 0.60 33.55
C ASN A 314 -12.86 0.01 34.92
N GLY A 315 -12.74 0.86 35.94
CA GLY A 315 -12.56 0.42 37.31
C GLY A 315 -11.15 -0.02 37.69
N GLN A 316 -10.18 0.31 36.85
CA GLN A 316 -8.76 0.04 37.13
C GLN A 316 -8.03 1.38 37.00
N PRO A 317 -6.96 1.60 37.78
CA PRO A 317 -6.13 2.77 37.55
C PRO A 317 -5.57 2.82 36.15
N PHE A 318 -5.64 3.99 35.52
CA PHE A 318 -5.15 4.08 34.15
C PHE A 318 -3.66 3.72 34.17
N GLN A 319 -3.21 2.89 33.24
CA GLN A 319 -1.89 2.32 33.30
C GLN A 319 -0.73 3.34 33.07
N TYR A 320 -0.87 4.21 32.08
CA TYR A 320 0.19 5.17 31.75
C TYR A 320 0.49 6.08 32.95
N SER A 321 -0.54 6.54 33.64
CA SER A 321 -0.33 7.36 34.81
C SER A 321 0.23 6.56 35.99
N ALA A 322 -0.20 5.31 36.16
CA ALA A 322 0.36 4.51 37.22
C ALA A 322 1.83 4.37 36.98
N ASP A 323 2.20 4.07 35.75
CA ASP A 323 3.62 3.97 35.38
C ASP A 323 4.39 5.29 35.64
N TRP A 324 3.76 6.41 35.28
CA TRP A 324 4.38 7.73 35.45
C TRP A 324 4.66 7.93 36.96
N TYR A 325 3.67 7.67 37.80
CA TYR A 325 3.88 7.89 39.23
C TYR A 325 4.90 6.88 39.84
N ARG A 326 4.84 5.61 39.46
CA ARG A 326 5.75 4.61 39.98
C ARG A 326 7.19 4.74 39.54
N TYR A 327 7.41 4.93 38.26
CA TYR A 327 8.77 4.96 37.76
C TYR A 327 9.48 6.29 37.73
N VAL A 328 8.75 7.40 37.74
CA VAL A 328 9.34 8.74 37.63
C VAL A 328 9.02 9.61 38.84
N VAL A 329 7.76 9.74 39.19
CA VAL A 329 7.47 10.65 40.29
C VAL A 329 8.02 10.12 41.59
N TYR A 330 7.68 8.87 41.96
CA TYR A 330 8.08 8.34 43.27
C TYR A 330 9.20 7.30 43.24
N GLU A 331 9.58 6.81 42.07
CA GLU A 331 10.58 5.72 41.98
C GLU A 331 10.31 4.57 42.95
N ASN A 332 9.08 4.10 42.92
CA ASN A 332 8.66 2.95 43.70
C ASN A 332 7.72 2.13 42.84
N PRO A 333 8.20 0.99 42.24
CA PRO A 333 7.33 0.20 41.38
C PRO A 333 6.10 -0.36 42.07
N ASN A 334 6.08 -0.41 43.40
CA ASN A 334 4.90 -0.86 44.13
C ASN A 334 3.95 0.25 44.60
N TRP A 335 4.18 1.48 44.17
CA TRP A 335 3.29 2.58 44.50
C TRP A 335 1.86 2.22 44.12
N ASP A 336 0.93 2.45 45.04
CA ASP A 336 -0.47 1.99 44.87
C ASP A 336 -1.31 3.09 44.20
N ALA A 337 -1.54 2.93 42.93
CA ALA A 337 -2.27 3.91 42.12
C ALA A 337 -3.77 4.03 42.48
N THR A 338 -4.31 3.10 43.26
CA THR A 338 -5.67 3.22 43.74
C THR A 338 -5.76 4.29 44.79
N LYS A 339 -4.65 4.75 45.34
CA LYS A 339 -4.72 5.75 46.40
C LYS A 339 -4.19 7.12 45.93
N PHE A 340 -4.10 7.33 44.61
CA PHE A 340 -3.83 8.63 44.01
C PHE A 340 -4.62 9.73 44.68
N SER A 341 -3.98 10.84 45.06
CA SER A 341 -4.71 12.01 45.61
C SER A 341 -4.13 13.28 44.98
N VAL A 342 -4.73 14.42 45.24
CA VAL A 342 -4.26 15.69 44.62
C VAL A 342 -2.90 16.13 45.20
N ARG A 343 -2.53 15.63 46.37
CA ARG A 343 -1.22 15.88 46.92
C ARG A 343 -0.16 15.26 46.00
N ASP A 344 -0.41 14.06 45.47
CA ASP A 344 0.49 13.44 44.46
C ASP A 344 0.58 14.32 43.19
N ALA A 345 -0.54 14.91 42.79
CA ALA A 345 -0.56 15.74 41.58
C ALA A 345 0.31 16.98 41.78
N ALA A 346 0.35 17.51 43.00
CA ALA A 346 1.21 18.68 43.30
C ALA A 346 2.69 18.29 43.19
N VAL A 347 3.06 17.13 43.74
CA VAL A 347 4.43 16.66 43.68
C VAL A 347 4.86 16.47 42.22
N ALA A 348 4.01 15.80 41.44
CA ALA A 348 4.30 15.59 40.03
C ALA A 348 4.47 16.88 39.24
N LEU A 349 3.59 17.84 39.47
CA LEU A 349 3.59 19.06 38.69
C LEU A 349 4.87 19.91 39.04
N LYS A 350 5.25 19.90 40.30
CA LYS A 350 6.46 20.62 40.72
C LYS A 350 7.67 19.94 40.15
N GLN A 351 7.69 18.62 40.08
CA GLN A 351 8.85 17.92 39.46
C GLN A 351 9.00 18.27 37.99
N ASN A 352 7.91 18.19 37.21
CA ASN A 352 7.91 18.56 35.76
C ASN A 352 9.20 18.29 35.04
N PRO A 353 9.59 17.01 34.93
CA PRO A 353 10.97 16.74 34.45
C PRO A 353 11.20 17.14 32.98
N PHE A 354 12.30 17.85 32.73
CA PHE A 354 12.66 18.42 31.46
C PHE A 354 11.53 19.16 30.78
N ASN A 355 10.66 19.76 31.59
CA ASN A 355 9.52 20.52 31.12
C ASN A 355 8.63 19.65 30.17
N LEU A 356 8.43 18.40 30.57
CA LEU A 356 7.51 17.53 29.89
C LEU A 356 6.09 18.16 29.80
N GLN A 357 5.72 19.04 30.75
CA GLN A 357 4.46 19.75 30.62
C GLN A 357 4.20 20.26 29.20
N THR A 358 5.25 20.76 28.51
CA THR A 358 5.11 21.23 27.14
C THR A 358 3.93 22.21 27.01
N TRP A 359 3.89 23.14 27.97
CA TRP A 359 2.76 24.01 28.21
C TRP A 359 3.13 25.52 28.13
N ASP A 360 4.27 25.82 27.50
CA ASP A 360 4.71 27.22 27.32
C ASP A 360 3.73 27.91 26.32
N ALA A 361 3.04 28.96 26.77
CA ALA A 361 2.00 29.63 26.00
C ALA A 361 2.54 30.80 25.17
N ASP A 362 3.78 31.21 25.43
CA ASP A 362 4.42 32.22 24.57
C ASP A 362 5.18 31.54 23.44
N ILE A 363 4.57 31.46 22.26
CA ILE A 363 5.22 30.83 21.09
C ILE A 363 5.60 31.88 20.02
N SER A 364 5.97 33.06 20.51
CA SER A 364 6.51 34.13 19.62
C SER A 364 7.79 33.73 18.90
N SER A 365 8.69 32.94 19.49
CA SER A 365 9.88 32.53 18.76
C SER A 365 9.52 31.70 17.53
N PHE A 366 8.52 30.82 17.63
CA PHE A 366 8.03 30.09 16.45
C PHE A 366 7.43 31.04 15.41
N ARG A 367 6.59 31.97 15.84
CA ARG A 367 6.00 32.94 14.94
C ARG A 367 7.14 33.70 14.23
N LYS A 368 8.11 34.20 15.00
CA LYS A 368 9.22 34.99 14.45
C LYS A 368 10.04 34.22 13.44
N ALA A 369 10.23 32.92 13.67
CA ALA A 369 10.99 32.11 12.75
C ALA A 369 10.24 31.86 11.45
N GLY A 370 8.96 32.24 11.36
CA GLY A 370 8.17 32.05 10.11
C GLY A 370 7.38 30.72 10.07
N GLY A 371 7.36 29.99 11.18
CA GLY A 371 6.66 28.69 11.22
C GLY A 371 5.12 28.81 11.25
N LYS A 372 4.47 27.78 10.72
CA LYS A 372 3.01 27.63 10.81
C LYS A 372 2.69 26.32 11.59
N VAL A 373 1.73 26.39 12.50
CA VAL A 373 1.24 25.21 13.19
C VAL A 373 -0.26 25.08 13.02
N LEU A 374 -0.65 23.89 12.60
CA LEU A 374 -2.05 23.50 12.51
C LEU A 374 -2.27 22.38 13.54
N THR A 375 -3.18 22.64 14.47
CA THR A 375 -3.57 21.60 15.43
C THR A 375 -5.09 21.34 15.26
N TYR A 376 -5.47 20.09 15.56
CA TYR A 376 -6.86 19.63 15.48
C TYR A 376 -7.08 18.72 16.67
N HIS A 377 -8.33 18.59 17.09
CA HIS A 377 -8.71 17.72 18.20
C HIS A 377 -10.14 17.20 17.98
N GLY A 378 -10.31 15.88 18.10
CA GLY A 378 -11.63 15.28 17.99
C GLY A 378 -12.50 15.60 19.17
N LEU A 379 -13.75 15.93 18.91
CA LEU A 379 -14.64 16.39 19.98
C LEU A 379 -15.40 15.26 20.71
N MET A 380 -15.09 14.00 20.37
CA MET A 380 -15.52 12.87 21.24
C MET A 380 -14.30 12.03 21.66
N ASP A 381 -13.22 12.74 22.00
CA ASP A 381 -11.96 12.12 22.37
C ASP A 381 -12.08 11.44 23.76
N GLN A 382 -11.83 10.13 23.79
CA GLN A 382 -11.94 9.29 24.99
C GLN A 382 -10.65 9.22 25.86
N LEU A 383 -9.54 9.75 25.36
CA LEU A 383 -8.22 9.70 26.03
C LEU A 383 -7.66 11.05 26.50
N ILE A 384 -7.82 12.07 25.66
CA ILE A 384 -7.31 13.42 25.92
C ILE A 384 -8.49 14.38 25.63
N SER A 385 -9.03 15.05 26.65
CA SER A 385 -10.14 15.92 26.46
C SER A 385 -9.85 17.03 25.49
N SER A 386 -10.73 17.18 24.49
CA SER A 386 -10.68 18.32 23.57
C SER A 386 -10.65 19.69 24.28
N GLU A 387 -11.24 19.78 25.47
N GLU A 387 -11.25 19.78 25.47
CA GLU A 387 -11.24 21.02 26.22
CA GLU A 387 -11.30 21.02 26.23
C GLU A 387 -9.86 21.49 26.63
C GLU A 387 -9.87 21.48 26.63
N ASN A 388 -8.90 20.56 26.70
CA ASN A 388 -7.52 20.96 27.03
C ASN A 388 -6.86 21.74 25.89
N SER A 389 -7.22 21.41 24.65
CA SER A 389 -6.70 22.18 23.50
C SER A 389 -7.33 23.60 23.47
N LYS A 390 -8.59 23.68 23.89
CA LYS A 390 -9.28 24.95 24.00
C LYS A 390 -8.66 25.81 25.09
N LEU A 391 -8.23 25.18 26.19
CA LEU A 391 -7.54 25.89 27.27
C LEU A 391 -6.18 26.39 26.78
N TYR A 392 -5.43 25.57 26.04
CA TYR A 392 -4.17 26.04 25.55
C TYR A 392 -4.35 27.29 24.67
N TYR A 393 -5.34 27.26 23.78
CA TYR A 393 -5.64 28.39 22.90
C TYR A 393 -5.88 29.70 23.67
N ALA A 394 -6.72 29.66 24.69
CA ALA A 394 -6.95 30.82 25.57
C ALA A 394 -5.64 31.34 26.21
N ARG A 395 -4.83 30.41 26.70
CA ARG A 395 -3.60 30.75 27.33
C ARG A 395 -2.60 31.43 26.37
N VAL A 396 -2.51 30.93 25.12
CA VAL A 396 -1.64 31.52 24.12
C VAL A 396 -2.13 32.96 23.80
N ALA A 397 -3.43 33.12 23.58
CA ALA A 397 -3.98 34.47 23.28
C ALA A 397 -3.74 35.44 24.41
N GLU A 398 -3.97 34.98 25.64
CA GLU A 398 -3.79 35.83 26.81
C GLU A 398 -2.33 36.22 26.99
N THR A 399 -1.42 35.24 26.86
CA THR A 399 -0.04 35.44 27.16
C THR A 399 0.60 36.26 26.06
N MET A 400 0.31 35.93 24.80
CA MET A 400 0.84 36.68 23.70
C MET A 400 0.12 38.02 23.50
N ASN A 401 -0.98 38.24 24.22
CA ASN A 401 -1.71 39.52 24.19
C ASN A 401 -2.24 39.84 22.77
N VAL A 402 -2.77 38.82 22.09
CA VAL A 402 -3.37 39.02 20.77
C VAL A 402 -4.66 38.22 20.62
N PRO A 403 -5.56 38.67 19.72
CA PRO A 403 -6.84 37.96 19.45
C PRO A 403 -6.66 36.92 18.37
N PRO A 404 -7.72 36.13 18.09
CA PRO A 404 -7.65 35.08 17.09
C PRO A 404 -7.18 35.51 15.69
N GLU A 405 -7.54 36.72 15.25
CA GLU A 405 -7.14 37.22 13.93
C GLU A 405 -5.64 37.31 13.81
N GLU A 406 -4.93 37.65 14.88
CA GLU A 406 -3.49 37.69 14.86
C GLU A 406 -2.89 36.27 14.96
N LEU A 407 -3.40 35.44 15.87
CA LEU A 407 -2.93 34.03 16.00
C LEU A 407 -3.08 33.28 14.67
N ASP A 408 -4.19 33.56 13.94
CA ASP A 408 -4.47 32.98 12.61
C ASP A 408 -3.32 33.05 11.61
N GLU A 409 -2.42 34.02 11.79
CA GLU A 409 -1.28 34.14 10.91
C GLU A 409 -0.30 33.00 11.02
N PHE A 410 -0.20 32.38 12.20
CA PHE A 410 0.77 31.28 12.38
C PHE A 410 0.28 30.05 13.17
N TYR A 411 -0.91 30.11 13.77
CA TYR A 411 -1.42 29.06 14.68
C TYR A 411 -2.93 28.96 14.48
N ARG A 412 -3.37 27.88 13.85
CA ARG A 412 -4.78 27.59 13.64
C ARG A 412 -5.16 26.23 14.24
N PHE A 413 -6.28 26.22 14.95
CA PHE A 413 -6.81 25.08 15.72
C PHE A 413 -8.21 24.75 15.17
N PHE A 414 -8.37 23.53 14.67
CA PHE A 414 -9.65 23.07 14.17
C PHE A 414 -10.24 22.03 15.11
N GLN A 415 -11.51 22.23 15.45
CA GLN A 415 -12.24 21.30 16.31
C GLN A 415 -13.06 20.37 15.44
N ILE A 416 -12.83 19.06 15.58
CA ILE A 416 -13.34 18.08 14.62
C ILE A 416 -14.52 17.33 15.23
N SER A 417 -15.73 17.64 14.81
CA SER A 417 -16.93 16.88 15.25
C SER A 417 -16.87 15.40 14.90
N GLY A 418 -17.36 14.59 15.82
CA GLY A 418 -17.49 13.15 15.58
C GLY A 418 -16.20 12.41 15.39
N MET A 419 -15.09 12.98 15.87
CA MET A 419 -13.83 12.28 15.88
C MET A 419 -13.43 11.89 17.30
N ALA A 420 -12.98 10.64 17.44
CA ALA A 420 -12.47 10.12 18.69
C ALA A 420 -10.98 10.52 18.86
N HIS A 421 -10.18 9.71 19.56
CA HIS A 421 -8.79 10.07 19.77
C HIS A 421 -7.93 9.78 18.55
N CYS A 422 -7.49 10.84 17.88
CA CYS A 422 -6.67 10.76 16.67
C CYS A 422 -7.33 10.16 15.40
N SER A 423 -8.21 9.18 15.56
CA SER A 423 -8.94 8.56 14.42
C SER A 423 -10.20 7.90 14.99
N GLY A 424 -11.09 7.46 14.09
CA GLY A 424 -12.36 6.83 14.47
C GLY A 424 -13.34 7.87 15.03
N GLY A 425 -14.47 7.37 15.48
CA GLY A 425 -15.60 8.19 15.93
C GLY A 425 -16.85 8.02 15.11
N ASP A 426 -17.92 8.68 15.56
CA ASP A 426 -19.24 8.58 14.93
C ASP A 426 -19.45 9.43 13.70
N GLY A 427 -18.57 10.39 13.41
CA GLY A 427 -18.87 11.35 12.37
C GLY A 427 -17.74 11.49 11.37
N ALA A 428 -17.54 12.71 10.87
CA ALA A 428 -16.65 12.94 9.72
C ALA A 428 -15.17 13.12 10.09
N TYR A 429 -14.58 12.03 10.58
CA TYR A 429 -13.21 12.08 11.11
C TYR A 429 -12.13 11.97 10.05
N GLY A 430 -12.54 11.76 8.80
CA GLY A 430 -11.59 11.43 7.72
C GLY A 430 -10.88 12.65 7.13
N ILE A 431 -9.94 13.20 7.92
CA ILE A 431 -9.25 14.46 7.57
C ILE A 431 -7.84 14.25 7.04
N GLY A 432 -7.38 13.01 6.98
CA GLY A 432 -6.13 12.72 6.30
C GLY A 432 -4.89 12.98 7.16
N ASN A 433 -5.07 12.94 8.48
CA ASN A 433 -3.93 13.03 9.40
C ASN A 433 -3.11 11.75 9.42
N GLN A 434 -3.71 10.64 9.00
CA GLN A 434 -3.07 9.33 8.95
C GLN A 434 -3.69 8.53 7.80
N LEU A 435 -3.08 7.40 7.41
CA LEU A 435 -3.66 6.51 6.42
C LEU A 435 -5.06 6.05 6.82
N VAL A 436 -5.22 5.73 8.10
CA VAL A 436 -6.52 5.29 8.62
C VAL A 436 -7.62 6.38 8.56
N THR A 437 -7.26 7.64 8.26
CA THR A 437 -8.27 8.72 8.14
C THR A 437 -8.25 9.36 6.75
N TYR A 438 -7.66 8.65 5.80
CA TYR A 438 -7.36 9.21 4.49
C TYR A 438 -8.57 9.31 3.57
N ASN A 439 -8.78 10.49 3.00
CA ASN A 439 -9.77 10.73 1.96
C ASN A 439 -9.10 11.41 0.71
N ASP A 440 -8.14 10.76 0.10
CA ASP A 440 -7.31 11.37 -0.95
C ASP A 440 -6.28 12.44 -0.49
N ALA A 441 -5.34 12.69 -1.40
CA ALA A 441 -4.12 13.50 -1.16
C ALA A 441 -4.28 14.98 -1.36
N ASN A 442 -5.42 15.41 -1.91
CA ASN A 442 -5.51 16.83 -2.32
C ASN A 442 -5.70 17.68 -1.07
N PRO A 443 -5.08 18.88 -1.04
CA PRO A 443 -5.17 19.77 0.15
C PRO A 443 -6.56 19.99 0.69
N GLU A 444 -7.59 19.96 -0.16
CA GLU A 444 -8.97 20.26 0.33
C GLU A 444 -9.51 19.17 1.27
N ASN A 445 -8.98 17.94 1.09
CA ASN A 445 -9.39 16.77 1.85
C ASN A 445 -8.34 16.22 2.87
N ASN A 446 -7.18 16.87 2.95
CA ASN A 446 -6.01 16.27 3.62
C ASN A 446 -5.25 17.33 4.42
N VAL A 447 -5.28 17.23 5.76
CA VAL A 447 -4.64 18.24 6.64
C VAL A 447 -3.14 18.42 6.44
N LEU A 448 -2.46 17.32 6.13
CA LEU A 448 -1.02 17.39 5.93
C LEU A 448 -0.76 18.20 4.67
N MET A 449 -1.48 17.88 3.58
CA MET A 449 -1.20 18.58 2.34
C MET A 449 -1.73 20.04 2.41
N ALA A 450 -2.72 20.27 3.27
CA ALA A 450 -3.17 21.63 3.53
C ALA A 450 -2.09 22.49 4.19
N MET A 451 -1.29 21.91 5.09
CA MET A 451 -0.13 22.59 5.68
C MET A 451 0.95 22.88 4.65
N VAL A 452 1.18 21.92 3.77
CA VAL A 452 2.11 22.12 2.69
C VAL A 452 1.70 23.33 1.88
N GLN A 453 0.40 23.43 1.57
CA GLN A 453 -0.12 24.54 0.78
C GLN A 453 0.00 25.87 1.54
N TRP A 454 -0.25 25.85 2.85
CA TRP A 454 -0.11 27.07 3.67
C TRP A 454 1.35 27.58 3.65
N VAL A 455 2.28 26.65 3.86
CA VAL A 455 3.69 26.97 3.94
C VAL A 455 4.26 27.38 2.57
N GLU A 456 3.98 26.59 1.54
CA GLU A 456 4.60 26.80 0.23
C GLU A 456 3.84 27.80 -0.67
N LYS A 457 2.53 27.94 -0.56
CA LYS A 457 1.77 28.92 -1.36
C LYS A 457 1.14 30.05 -0.56
N GLY A 458 1.36 30.11 0.74
CA GLY A 458 0.76 31.16 1.56
C GLY A 458 -0.77 31.06 1.66
N ILE A 459 -1.37 29.91 1.33
CA ILE A 459 -2.81 29.76 1.46
C ILE A 459 -3.20 29.04 2.78
N ALA A 460 -3.73 29.81 3.71
CA ALA A 460 -4.06 29.30 5.05
C ALA A 460 -5.37 28.58 5.04
N PRO A 461 -5.52 27.48 5.79
CA PRO A 461 -6.81 26.81 5.75
C PRO A 461 -7.87 27.52 6.59
N GLU A 462 -9.06 27.68 6.02
CA GLU A 462 -10.17 28.37 6.63
C GLU A 462 -11.00 27.39 7.45
N THR A 463 -11.21 26.21 6.88
CA THR A 463 -11.84 25.06 7.51
C THR A 463 -11.03 23.82 7.16
N ILE A 464 -11.30 22.69 7.81
CA ILE A 464 -10.66 21.43 7.45
C ILE A 464 -11.74 20.37 7.21
N ARG A 465 -11.78 19.87 5.99
CA ARG A 465 -12.83 18.93 5.57
C ARG A 465 -12.51 17.52 6.08
N GLY A 466 -13.52 16.86 6.65
CA GLY A 466 -13.42 15.44 6.90
C GLY A 466 -14.55 14.63 6.27
N ALA A 467 -14.26 13.35 6.01
CA ALA A 467 -15.20 12.38 5.52
C ALA A 467 -15.73 11.47 6.60
N LYS A 468 -17.01 11.15 6.53
CA LYS A 468 -17.59 10.06 7.26
C LYS A 468 -17.70 8.94 6.25
N PHE A 469 -17.07 7.82 6.58
CA PHE A 469 -17.00 6.65 5.71
C PHE A 469 -18.16 5.71 5.98
N THR A 470 -18.63 5.01 4.94
CA THR A 470 -19.65 3.95 5.13
C THR A 470 -19.10 2.80 5.98
N ASN A 471 -17.84 2.41 5.73
CA ASN A 471 -17.16 1.30 6.41
C ASN A 471 -15.60 1.47 6.43
N GLY A 472 -15.11 2.59 6.96
CA GLY A 472 -13.67 2.85 7.07
C GLY A 472 -13.03 3.43 5.81
N THR A 473 -11.81 3.95 5.95
CA THR A 473 -11.09 4.56 4.83
C THR A 473 -11.02 3.57 3.66
N GLY A 474 -11.21 4.04 2.45
CA GLY A 474 -11.27 3.16 1.30
C GLY A 474 -12.71 2.74 0.94
N SER A 475 -13.68 2.94 1.83
CA SER A 475 -15.07 2.62 1.50
C SER A 475 -15.70 3.89 0.97
N ALA A 476 -16.93 3.82 0.52
CA ALA A 476 -17.54 4.97 -0.08
C ALA A 476 -17.70 5.99 1.03
N VAL A 477 -17.51 7.27 0.65
CA VAL A 477 -17.71 8.39 1.52
C VAL A 477 -19.20 8.59 1.61
N GLU A 478 -19.74 8.63 2.81
CA GLU A 478 -21.16 8.81 3.02
C GLU A 478 -21.50 10.31 3.01
N TYR A 479 -20.70 11.11 3.70
CA TYR A 479 -20.81 12.52 3.66
C TYR A 479 -19.51 13.18 4.10
N THR A 480 -19.38 14.46 3.81
CA THR A 480 -18.27 15.24 4.30
C THR A 480 -18.79 16.44 5.09
N ARG A 481 -17.89 17.05 5.87
CA ARG A 481 -18.18 18.25 6.64
C ARG A 481 -16.91 19.10 6.76
N LYS A 482 -17.09 20.42 6.68
CA LYS A 482 -15.99 21.35 6.79
C LYS A 482 -15.92 21.83 8.25
N HIS A 483 -14.97 21.24 8.97
CA HIS A 483 -14.84 21.52 10.40
C HIS A 483 -14.28 22.94 10.58
N CYS A 484 -14.73 23.59 11.63
CA CYS A 484 -14.48 24.98 11.86
C CYS A 484 -13.16 25.31 12.58
N ARG A 485 -12.70 26.54 12.37
CA ARG A 485 -11.47 27.04 12.95
C ARG A 485 -11.85 27.73 14.25
N TYR A 486 -11.32 27.22 15.38
CA TYR A 486 -11.59 27.77 16.71
C TYR A 486 -11.19 29.25 16.74
N PRO A 487 -11.99 30.12 17.41
CA PRO A 487 -13.13 29.79 18.23
C PRO A 487 -14.50 29.62 17.55
N ARG A 488 -14.57 29.39 16.25
CA ARG A 488 -15.86 29.11 15.63
C ARG A 488 -16.38 27.70 15.93
N ARG A 489 -17.70 27.55 15.86
CA ARG A 489 -18.34 26.22 15.90
C ARG A 489 -19.30 26.04 14.71
N ASN A 490 -19.55 24.78 14.37
CA ASN A 490 -20.46 24.42 13.30
C ASN A 490 -21.93 24.35 13.74
N VAL A 491 -22.82 24.92 12.90
CA VAL A 491 -24.27 24.92 13.18
C VAL A 491 -24.98 24.56 11.89
N TYR A 492 -25.95 23.65 12.01
CA TYR A 492 -26.70 23.17 10.87
C TYR A 492 -27.81 24.21 10.59
N LYS A 493 -27.81 24.79 9.39
CA LYS A 493 -28.75 25.86 9.02
C LYS A 493 -29.63 25.45 7.87
N GLY A 494 -29.35 24.35 7.19
CA GLY A 494 -29.91 24.08 5.85
C GLY A 494 -29.46 25.11 4.78
N PRO A 495 -30.10 25.10 3.61
CA PRO A 495 -31.17 24.18 3.25
C PRO A 495 -30.52 22.85 2.91
N GLY A 496 -31.30 21.81 2.78
CA GLY A 496 -30.67 20.53 2.47
C GLY A 496 -30.43 19.78 3.75
N ASN A 497 -30.22 18.50 3.63
CA ASN A 497 -30.10 17.65 4.80
C ASN A 497 -28.71 17.84 5.49
N TYR A 498 -28.54 17.35 6.70
CA TYR A 498 -27.30 17.57 7.43
C TYR A 498 -26.07 16.87 6.81
N THR A 499 -26.31 15.97 5.86
CA THR A 499 -25.27 15.30 5.11
C THR A 499 -24.69 16.16 4.02
N ASP A 500 -25.28 17.33 3.80
CA ASP A 500 -24.73 18.28 2.82
C ASP A 500 -23.84 19.27 3.57
N GLU A 501 -22.55 19.23 3.27
CA GLU A 501 -21.59 20.12 3.92
C GLU A 501 -21.95 21.59 3.75
N ASN A 502 -22.65 21.91 2.65
CA ASN A 502 -23.13 23.30 2.39
C ASN A 502 -24.26 23.72 3.30
N ALA A 503 -24.92 22.77 3.98
CA ALA A 503 -26.01 23.10 4.92
C ALA A 503 -25.57 23.57 6.33
N TRP A 504 -24.26 23.60 6.54
CA TRP A 504 -23.64 23.98 7.81
C TRP A 504 -22.92 25.32 7.67
N GLN A 505 -22.79 26.06 8.76
CA GLN A 505 -22.06 27.29 8.75
C GLN A 505 -21.21 27.35 10.03
N CYS A 506 -19.98 27.83 9.90
CA CYS A 506 -19.12 28.05 11.06
C CYS A 506 -19.43 29.41 11.64
N VAL A 507 -19.72 29.46 12.92
CA VAL A 507 -20.34 30.63 13.50
C VAL A 507 -19.54 31.01 14.73
N THR B 4 -30.23 4.68 -31.45
CA THR B 4 -28.82 5.25 -31.26
C THR B 4 -27.93 4.39 -30.29
N PHE B 5 -26.64 4.33 -30.55
CA PHE B 5 -25.72 3.59 -29.66
C PHE B 5 -25.77 4.10 -28.20
N GLN B 6 -25.71 5.43 -27.99
CA GLN B 6 -25.82 6.03 -26.64
C GLN B 6 -27.09 5.65 -25.95
N GLY B 7 -28.20 5.73 -26.69
CA GLY B 7 -29.50 5.39 -26.16
C GLY B 7 -29.61 3.92 -25.81
N LYS B 8 -29.04 3.07 -26.65
CA LYS B 8 -29.06 1.66 -26.33
C LYS B 8 -28.26 1.41 -25.05
N CYS B 9 -27.12 2.07 -24.92
CA CYS B 9 -26.26 1.91 -23.73
C CYS B 9 -26.98 2.39 -22.44
N THR B 10 -27.56 3.61 -22.49
CA THR B 10 -28.29 4.17 -21.30
C THR B 10 -29.51 3.34 -20.98
N GLY B 11 -30.07 2.61 -21.94
CA GLY B 11 -31.19 1.73 -21.60
C GLY B 11 -30.80 0.32 -21.20
N PHE B 12 -29.50 -0.01 -21.26
CA PHE B 12 -29.13 -1.45 -21.26
C PHE B 12 -29.26 -2.13 -19.89
N ALA B 13 -29.03 -1.40 -18.80
CA ALA B 13 -29.12 -2.02 -17.46
C ALA B 13 -30.41 -2.83 -17.25
N ASP B 14 -31.53 -2.31 -17.74
CA ASP B 14 -32.84 -2.98 -17.61
C ASP B 14 -32.92 -4.25 -18.36
N LYS B 15 -32.13 -4.38 -19.43
CA LYS B 15 -32.12 -5.56 -20.27
C LYS B 15 -31.36 -6.74 -19.62
N ILE B 16 -30.57 -6.50 -18.58
CA ILE B 16 -29.71 -7.56 -18.02
C ILE B 16 -30.40 -8.16 -16.81
N ASN B 17 -30.80 -9.41 -16.93
CA ASN B 17 -31.38 -10.18 -15.84
C ASN B 17 -30.78 -11.60 -15.87
N LEU B 18 -29.64 -11.74 -15.21
CA LEU B 18 -28.88 -12.96 -15.20
C LEU B 18 -28.70 -13.42 -13.77
N PRO B 19 -28.78 -14.75 -13.55
CA PRO B 19 -28.63 -15.26 -12.21
C PRO B 19 -27.27 -14.91 -11.58
N ASN B 20 -27.29 -14.48 -10.33
CA ASN B 20 -26.12 -14.08 -9.55
C ASN B 20 -25.26 -12.94 -10.10
N VAL B 21 -25.87 -12.14 -10.97
CA VAL B 21 -25.24 -10.98 -11.54
C VAL B 21 -25.93 -9.75 -11.03
N ARG B 22 -25.19 -8.84 -10.41
CA ARG B 22 -25.73 -7.55 -10.08
C ARG B 22 -25.05 -6.52 -10.94
N VAL B 23 -25.82 -5.70 -11.64
CA VAL B 23 -25.26 -4.56 -12.38
C VAL B 23 -24.94 -3.41 -11.44
N ASN B 24 -23.69 -2.93 -11.45
CA ASN B 24 -23.29 -1.80 -10.61
C ASN B 24 -23.60 -0.49 -11.29
N PHE B 25 -23.21 -0.37 -12.55
CA PHE B 25 -23.56 0.74 -13.40
C PHE B 25 -23.31 0.39 -14.87
N VAL B 26 -23.93 1.18 -15.75
CA VAL B 26 -23.70 1.15 -17.21
C VAL B 26 -23.47 2.59 -17.63
N ASN B 27 -22.32 2.89 -18.23
CA ASN B 27 -21.95 4.24 -18.68
C ASN B 27 -21.57 4.21 -20.16
N TYR B 28 -21.90 5.26 -20.88
CA TYR B 28 -21.35 5.50 -22.21
C TYR B 28 -20.01 6.24 -22.12
N VAL B 29 -19.00 5.75 -22.84
CA VAL B 29 -17.68 6.32 -22.75
C VAL B 29 -17.25 6.70 -24.14
N PRO B 30 -17.22 8.02 -24.46
CA PRO B 30 -16.84 8.35 -25.82
C PRO B 30 -15.36 8.22 -26.02
N GLY B 31 -14.98 7.99 -27.26
CA GLY B 31 -13.57 7.89 -27.63
C GLY B 31 -12.81 9.13 -27.25
N GLY B 32 -11.60 8.93 -26.71
CA GLY B 32 -10.78 9.97 -26.18
C GLY B 32 -10.92 10.15 -24.68
N THR B 33 -11.93 9.55 -24.05
CA THR B 33 -12.14 9.75 -22.61
C THR B 33 -10.93 9.28 -21.76
N ASN B 34 -10.56 10.07 -20.76
CA ASN B 34 -9.55 9.69 -19.77
C ASN B 34 -10.28 9.22 -18.52
N LEU B 35 -10.59 7.93 -18.50
CA LEU B 35 -11.45 7.35 -17.48
C LEU B 35 -10.74 7.43 -16.14
N SER B 36 -11.46 7.82 -15.12
CA SER B 36 -10.96 7.87 -13.79
C SER B 36 -11.30 6.52 -13.12
N LEU B 37 -10.37 5.97 -12.36
CA LEU B 37 -10.54 4.64 -11.80
C LEU B 37 -10.35 4.68 -10.28
N PRO B 38 -11.23 5.41 -9.58
CA PRO B 38 -11.03 5.72 -8.15
C PRO B 38 -10.85 4.48 -7.28
N ASP B 39 -11.61 3.43 -7.60
CA ASP B 39 -11.64 2.21 -6.79
C ASP B 39 -10.52 1.24 -7.08
N ASN B 40 -9.69 1.51 -8.08
CA ASN B 40 -8.65 0.55 -8.43
C ASN B 40 -7.66 0.47 -7.25
N PRO B 41 -7.25 -0.74 -6.84
CA PRO B 41 -6.25 -0.87 -5.78
C PRO B 41 -4.87 -0.28 -6.07
N THR B 42 -4.28 0.39 -5.08
CA THR B 42 -3.04 1.15 -5.25
C THR B 42 -1.95 0.28 -5.83
N SER B 43 -1.85 -0.99 -5.41
CA SER B 43 -0.77 -1.82 -5.92
C SER B 43 -0.91 -2.14 -7.40
N CYS B 44 -2.12 -1.94 -7.96
CA CYS B 44 -2.31 -2.16 -9.41
C CYS B 44 -1.56 -1.08 -10.24
N GLY B 45 -1.33 0.09 -9.65
CA GLY B 45 -0.54 1.13 -10.32
C GLY B 45 -1.18 1.77 -11.57
N THR B 46 -2.49 1.95 -11.57
CA THR B 46 -3.16 2.80 -12.54
C THR B 46 -4.40 3.27 -11.85
N THR B 47 -4.58 4.58 -11.85
CA THR B 47 -5.77 5.26 -11.36
C THR B 47 -6.61 5.85 -12.50
N SER B 48 -6.14 5.75 -13.73
CA SER B 48 -6.92 6.21 -14.88
C SER B 48 -6.58 5.38 -16.13
N GLN B 49 -7.40 5.50 -17.16
CA GLN B 49 -7.16 4.84 -18.46
C GLN B 49 -7.79 5.62 -19.61
N VAL B 50 -6.99 5.92 -20.62
CA VAL B 50 -7.52 6.50 -21.85
C VAL B 50 -8.19 5.44 -22.70
N VAL B 51 -9.40 5.76 -23.14
CA VAL B 51 -10.23 4.87 -23.92
C VAL B 51 -10.39 5.56 -25.28
N SER B 52 -9.78 5.00 -26.30
CA SER B 52 -9.64 5.69 -27.59
C SER B 52 -10.86 5.57 -28.52
N GLU B 53 -11.79 4.65 -28.28
CA GLU B 53 -12.98 4.50 -29.15
C GLU B 53 -14.20 4.31 -28.31
N ASP B 54 -15.35 4.74 -28.84
CA ASP B 54 -16.60 4.67 -28.13
C ASP B 54 -16.91 3.26 -27.61
N VAL B 55 -17.25 3.17 -26.34
CA VAL B 55 -17.79 1.93 -25.78
C VAL B 55 -18.93 2.18 -24.84
N CYS B 56 -19.70 1.13 -24.63
CA CYS B 56 -20.66 1.04 -23.57
C CYS B 56 -20.02 0.16 -22.49
N ARG B 57 -19.84 0.75 -21.30
CA ARG B 57 -19.16 0.11 -20.18
C ARG B 57 -20.15 -0.38 -19.15
N ILE B 58 -20.13 -1.69 -18.89
CA ILE B 58 -20.99 -2.29 -17.89
C ILE B 58 -20.08 -2.84 -16.81
N ALA B 59 -20.36 -2.52 -15.55
CA ALA B 59 -19.63 -3.05 -14.39
C ALA B 59 -20.58 -3.83 -13.53
N MET B 60 -20.14 -5.02 -13.10
CA MET B 60 -20.97 -5.93 -12.33
C MET B 60 -20.24 -6.56 -11.14
N ALA B 61 -21.02 -7.02 -10.17
CA ALA B 61 -20.57 -7.93 -9.14
C ALA B 61 -21.25 -9.26 -9.47
N VAL B 62 -20.48 -10.35 -9.62
CA VAL B 62 -21.04 -11.66 -9.95
C VAL B 62 -20.67 -12.66 -8.85
N ALA B 63 -21.68 -13.22 -8.16
CA ALA B 63 -21.42 -14.18 -7.10
C ALA B 63 -20.88 -15.50 -7.67
N THR B 64 -19.72 -15.94 -7.17
CA THR B 64 -19.13 -17.17 -7.62
C THR B 64 -19.36 -18.33 -6.64
N SER B 65 -19.81 -18.03 -5.43
CA SER B 65 -20.13 -19.08 -4.46
C SER B 65 -20.96 -18.37 -3.41
N ASN B 66 -21.38 -19.08 -2.38
CA ASN B 66 -22.15 -18.41 -1.34
C ASN B 66 -21.30 -17.47 -0.47
N SER B 67 -19.98 -17.44 -0.68
CA SER B 67 -19.16 -16.51 0.07
C SER B 67 -18.18 -15.67 -0.78
N SER B 68 -18.29 -15.71 -2.11
CA SER B 68 -17.31 -15.05 -2.94
C SER B 68 -17.98 -14.41 -4.12
N GLU B 69 -17.34 -13.36 -4.64
CA GLU B 69 -17.79 -12.69 -5.86
C GLU B 69 -16.59 -12.14 -6.63
N ILE B 70 -16.81 -11.85 -7.91
CA ILE B 70 -15.83 -11.16 -8.72
C ILE B 70 -16.44 -9.81 -9.07
N THR B 71 -15.60 -8.81 -9.29
CA THR B 71 -15.98 -7.64 -10.07
C THR B 71 -15.68 -7.92 -11.56
N LEU B 72 -16.64 -7.65 -12.42
CA LEU B 72 -16.55 -7.92 -13.85
C LEU B 72 -16.89 -6.66 -14.63
N GLU B 73 -16.02 -6.32 -15.56
CA GLU B 73 -16.32 -5.31 -16.54
C GLU B 73 -16.48 -5.91 -17.94
N ALA B 74 -17.42 -5.32 -18.68
CA ALA B 74 -17.65 -5.56 -20.11
C ALA B 74 -17.69 -4.23 -20.86
N TRP B 75 -16.82 -4.10 -21.86
CA TRP B 75 -16.68 -2.90 -22.69
C TRP B 75 -17.10 -3.30 -24.10
N LEU B 76 -18.31 -2.86 -24.46
CA LEU B 76 -18.94 -3.16 -25.71
C LEU B 76 -18.80 -1.99 -26.68
N PRO B 77 -17.94 -2.12 -27.70
CA PRO B 77 -17.64 -1.02 -28.61
C PRO B 77 -18.74 -0.74 -29.65
N GLN B 78 -18.80 0.53 -30.04
CA GLN B 78 -19.72 0.98 -31.08
C GLN B 78 -19.30 0.40 -32.43
N ASN B 79 -18.00 0.52 -32.73
CA ASN B 79 -17.46 -0.07 -33.95
C ASN B 79 -17.11 -1.57 -33.70
N TYR B 80 -18.11 -2.44 -33.69
CA TYR B 80 -18.00 -3.84 -33.26
C TYR B 80 -17.84 -4.78 -34.46
N THR B 81 -16.94 -5.76 -34.34
CA THR B 81 -16.58 -6.65 -35.42
C THR B 81 -17.22 -8.02 -35.34
N GLY B 82 -18.08 -8.28 -34.37
CA GLY B 82 -18.63 -9.63 -34.19
C GLY B 82 -17.79 -10.63 -33.39
N ARG B 83 -16.76 -10.14 -32.72
CA ARG B 83 -15.80 -10.93 -31.94
C ARG B 83 -15.86 -10.64 -30.44
N PHE B 84 -15.99 -11.71 -29.67
CA PHE B 84 -15.97 -11.63 -28.21
C PHE B 84 -14.53 -11.88 -27.74
N LEU B 85 -14.13 -11.22 -26.64
CA LEU B 85 -12.79 -11.42 -26.10
C LEU B 85 -12.79 -11.28 -24.55
N SER B 86 -12.02 -12.16 -23.88
CA SER B 86 -11.70 -12.04 -22.47
C SER B 86 -10.25 -11.64 -22.27
N THR B 87 -10.03 -10.75 -21.30
CA THR B 87 -8.72 -10.42 -20.80
C THR B 87 -8.53 -11.23 -19.49
N GLY B 88 -7.36 -11.06 -18.87
CA GLY B 88 -7.04 -11.72 -17.59
C GLY B 88 -6.28 -10.78 -16.66
N ASN B 89 -5.56 -11.35 -15.70
CA ASN B 89 -4.84 -10.58 -14.68
C ASN B 89 -3.30 -10.52 -14.88
N GLY B 90 -2.58 -9.96 -13.86
CA GLY B 90 -1.09 -9.67 -13.89
C GLY B 90 -0.09 -10.41 -13.00
N GLY B 91 -0.35 -10.37 -11.68
CA GLY B 91 0.63 -10.78 -10.63
C GLY B 91 -0.07 -11.82 -9.76
N LEU B 92 -0.24 -11.56 -8.46
CA LEU B 92 -1.13 -12.40 -7.59
C LEU B 92 -2.46 -11.66 -7.38
N SER B 93 -2.67 -10.77 -8.35
CA SER B 93 -3.55 -9.67 -8.25
C SER B 93 -4.89 -9.95 -8.77
N GLY B 94 -5.85 -9.34 -8.11
CA GLY B 94 -7.04 -8.86 -8.70
C GLY B 94 -6.73 -7.44 -9.08
N CYS B 95 -6.17 -7.38 -10.28
CA CYS B 95 -6.09 -6.17 -11.03
C CYS B 95 -6.75 -6.51 -12.37
N ILE B 96 -7.90 -5.91 -12.60
CA ILE B 96 -8.46 -5.82 -13.92
C ILE B 96 -7.46 -5.06 -14.79
N GLN B 97 -7.24 -5.54 -16.00
CA GLN B 97 -6.27 -4.86 -16.87
C GLN B 97 -6.95 -3.90 -17.79
N TYR B 98 -7.15 -2.70 -17.27
CA TYR B 98 -7.89 -1.66 -17.96
C TYR B 98 -7.20 -1.28 -19.24
N TYR B 99 -5.87 -1.37 -19.23
CA TYR B 99 -5.10 -1.09 -20.48
C TYR B 99 -5.43 -2.11 -21.57
N ASP B 100 -5.71 -3.35 -21.19
CA ASP B 100 -6.06 -4.37 -22.16
C ASP B 100 -7.52 -4.20 -22.60
N LEU B 101 -8.41 -3.84 -21.67
CA LEU B 101 -9.79 -3.54 -22.04
C LEU B 101 -9.85 -2.41 -23.07
N ALA B 102 -9.05 -1.35 -22.86
CA ALA B 102 -9.00 -0.25 -23.84
C ALA B 102 -8.44 -0.72 -25.19
N TYR B 103 -7.39 -1.53 -25.15
CA TYR B 103 -6.72 -2.03 -26.34
C TYR B 103 -7.69 -2.82 -27.21
N THR B 104 -8.33 -3.82 -26.61
CA THR B 104 -9.10 -4.77 -27.41
C THR B 104 -10.46 -4.18 -27.81
N SER B 105 -11.08 -3.42 -26.92
CA SER B 105 -12.30 -2.72 -27.28
C SER B 105 -12.03 -1.72 -28.44
N GLY B 106 -10.87 -1.07 -28.39
CA GLY B 106 -10.39 -0.17 -29.43
C GLY B 106 -10.18 -0.80 -30.80
N LEU B 107 -9.92 -2.11 -30.81
CA LEU B 107 -9.85 -2.89 -32.04
C LEU B 107 -11.21 -3.52 -32.43
N GLY B 108 -12.30 -3.18 -31.76
CA GLY B 108 -13.60 -3.70 -32.14
C GLY B 108 -14.15 -4.96 -31.49
N PHE B 109 -13.44 -5.50 -30.49
CA PHE B 109 -13.88 -6.66 -29.73
C PHE B 109 -14.81 -6.28 -28.57
N ALA B 110 -15.89 -7.00 -28.42
CA ALA B 110 -16.68 -7.00 -27.17
C ALA B 110 -15.84 -7.67 -26.10
N THR B 111 -15.40 -6.91 -25.10
CA THR B 111 -14.34 -7.34 -24.19
C THR B 111 -14.72 -7.35 -22.74
N VAL B 112 -14.31 -8.40 -22.02
CA VAL B 112 -14.47 -8.51 -20.55
C VAL B 112 -13.15 -8.61 -19.82
N GLY B 113 -13.18 -8.25 -18.54
CA GLY B 113 -12.04 -8.47 -17.62
C GLY B 113 -12.59 -8.54 -16.23
N ALA B 114 -12.11 -9.48 -15.44
CA ALA B 114 -12.59 -9.62 -14.07
C ALA B 114 -11.44 -9.53 -13.09
N ASN B 115 -11.73 -9.26 -11.83
CA ASN B 115 -10.66 -8.91 -10.85
C ASN B 115 -10.02 -10.14 -10.26
N SER B 116 -10.41 -11.33 -10.72
CA SER B 116 -9.84 -12.63 -10.27
C SER B 116 -10.55 -13.07 -8.99
N GLY B 117 -11.36 -12.20 -8.38
CA GLY B 117 -12.05 -12.56 -7.15
C GLY B 117 -11.52 -11.85 -5.92
N HIS B 118 -10.67 -10.86 -6.08
CA HIS B 118 -10.26 -10.01 -4.97
C HIS B 118 -9.64 -8.72 -5.50
N ASN B 119 -9.46 -7.75 -4.60
CA ASN B 119 -8.90 -6.47 -4.94
C ASN B 119 -7.43 -6.40 -4.50
N GLY B 120 -6.53 -6.06 -5.43
CA GLY B 120 -5.12 -5.72 -5.11
C GLY B 120 -4.10 -6.81 -5.41
N THR B 121 -2.80 -6.49 -5.28
CA THR B 121 -1.68 -7.38 -5.63
C THR B 121 -1.13 -8.28 -4.49
N SER B 122 -1.57 -8.02 -3.29
CA SER B 122 -1.29 -8.90 -2.18
C SER B 122 -2.04 -10.26 -2.33
N GLY B 123 -1.36 -11.32 -1.86
CA GLY B 123 -1.99 -12.64 -1.68
C GLY B 123 -2.83 -12.84 -0.39
N GLU B 124 -2.85 -11.83 0.47
CA GLU B 124 -3.56 -11.95 1.75
C GLU B 124 -5.07 -12.27 1.58
N PRO B 125 -5.70 -11.78 0.50
CA PRO B 125 -7.12 -12.17 0.40
C PRO B 125 -7.36 -13.65 0.21
N PHE B 126 -6.34 -14.45 -0.17
CA PHE B 126 -6.49 -15.93 -0.20
C PHE B 126 -6.61 -16.54 1.19
N TYR B 127 -6.14 -15.80 2.18
CA TYR B 127 -5.94 -16.37 3.56
C TYR B 127 -7.31 -16.74 4.15
N HIS B 128 -7.52 -18.03 4.43
CA HIS B 128 -8.82 -18.54 4.96
C HIS B 128 -10.01 -18.35 3.99
N HIS B 129 -9.71 -18.18 2.70
CA HIS B 129 -10.75 -17.98 1.73
C HIS B 129 -10.49 -18.89 0.52
N PRO B 130 -10.71 -20.19 0.69
CA PRO B 130 -10.51 -21.08 -0.47
C PRO B 130 -11.34 -20.70 -1.73
N GLU B 131 -12.53 -20.11 -1.56
CA GLU B 131 -13.36 -19.75 -2.70
C GLU B 131 -12.70 -18.64 -3.52
N VAL B 132 -12.06 -17.71 -2.82
CA VAL B 132 -11.37 -16.60 -3.46
C VAL B 132 -10.17 -17.18 -4.21
N LEU B 133 -9.45 -18.12 -3.63
CA LEU B 133 -8.32 -18.75 -4.36
C LEU B 133 -8.83 -19.47 -5.61
N GLU B 134 -9.92 -20.23 -5.46
CA GLU B 134 -10.48 -20.95 -6.62
C GLU B 134 -10.89 -19.96 -7.75
N ASP B 135 -11.45 -18.80 -7.39
CA ASP B 135 -11.73 -17.76 -8.41
C ASP B 135 -10.43 -17.35 -9.18
N PHE B 136 -9.35 -17.08 -8.46
CA PHE B 136 -8.08 -16.74 -9.09
C PHE B 136 -7.55 -17.90 -10.02
N VAL B 137 -7.61 -19.15 -9.53
CA VAL B 137 -7.06 -20.28 -10.27
C VAL B 137 -7.76 -20.47 -11.61
N HIS B 138 -9.10 -20.48 -11.61
CA HIS B 138 -9.85 -20.82 -12.84
C HIS B 138 -11.22 -20.18 -12.98
N ARG B 139 -11.91 -19.91 -11.86
CA ARG B 139 -13.33 -19.66 -11.94
C ARG B 139 -13.70 -18.22 -12.33
N SER B 140 -12.86 -17.26 -11.97
CA SER B 140 -13.06 -15.84 -12.34
C SER B 140 -13.10 -15.64 -13.87
N VAL B 141 -12.05 -16.09 -14.56
CA VAL B 141 -11.98 -15.90 -15.99
C VAL B 141 -13.13 -16.63 -16.67
N HIS B 142 -13.40 -17.87 -16.27
CA HIS B 142 -14.51 -18.63 -16.91
C HIS B 142 -15.86 -17.95 -16.66
N THR B 143 -16.10 -17.48 -15.45
CA THR B 143 -17.35 -16.77 -15.15
C THR B 143 -17.52 -15.52 -16.01
N GLY B 144 -16.45 -14.75 -16.21
CA GLY B 144 -16.48 -13.62 -17.11
C GLY B 144 -16.76 -14.00 -18.55
N VAL B 145 -16.30 -15.16 -18.97
CA VAL B 145 -16.59 -15.63 -20.33
C VAL B 145 -18.09 -15.95 -20.46
N VAL B 146 -18.61 -16.68 -19.49
CA VAL B 146 -20.03 -17.11 -19.53
C VAL B 146 -20.99 -15.89 -19.53
N VAL B 147 -20.78 -14.97 -18.58
CA VAL B 147 -21.58 -13.76 -18.49
C VAL B 147 -21.34 -12.82 -19.66
N GLY B 148 -20.06 -12.67 -20.04
CA GLY B 148 -19.69 -11.83 -21.16
C GLY B 148 -20.33 -12.20 -22.49
N LYS B 149 -20.36 -13.51 -22.77
CA LYS B 149 -21.02 -14.04 -23.99
C LYS B 149 -22.53 -13.70 -23.97
N GLN B 150 -23.15 -13.88 -22.82
CA GLN B 150 -24.57 -13.55 -22.63
C GLN B 150 -24.86 -12.07 -22.86
N LEU B 151 -24.02 -11.21 -22.31
CA LEU B 151 -24.16 -9.77 -22.49
C LEU B 151 -23.97 -9.38 -23.94
N THR B 152 -22.96 -9.97 -24.58
CA THR B 152 -22.69 -9.70 -26.00
C THR B 152 -23.93 -10.03 -26.89
N LYS B 153 -24.51 -11.20 -26.67
CA LYS B 153 -25.70 -11.63 -27.40
C LYS B 153 -26.93 -10.74 -27.08
N LEU B 154 -27.05 -10.30 -25.83
CA LEU B 154 -28.12 -9.38 -25.48
C LEU B 154 -28.01 -8.02 -26.15
N PHE B 155 -26.80 -7.51 -26.22
CA PHE B 155 -26.60 -6.17 -26.68
C PHE B 155 -26.58 -6.06 -28.19
N TYR B 156 -25.98 -7.02 -28.90
CA TYR B 156 -25.87 -6.91 -30.37
C TYR B 156 -26.76 -7.96 -31.04
N GLU B 157 -27.57 -7.53 -32.03
CA GLU B 157 -28.47 -8.44 -32.80
C GLU B 157 -27.62 -9.55 -33.36
N GLU B 158 -26.48 -9.20 -33.94
CA GLU B 158 -25.62 -10.20 -34.58
C GLU B 158 -24.93 -11.17 -33.58
N GLY B 159 -24.95 -10.90 -32.27
CA GLY B 159 -24.25 -11.78 -31.33
C GLY B 159 -22.74 -11.73 -31.52
N PHE B 160 -22.09 -12.89 -31.51
CA PHE B 160 -20.64 -13.01 -31.81
C PHE B 160 -20.43 -14.25 -32.64
N LYS B 161 -19.47 -14.20 -33.55
CA LYS B 161 -19.17 -15.38 -34.41
C LYS B 161 -17.98 -16.19 -33.81
N LYS B 162 -17.01 -15.52 -33.19
CA LYS B 162 -15.88 -16.21 -32.60
C LYS B 162 -15.52 -15.61 -31.26
N SER B 163 -14.76 -16.37 -30.47
CA SER B 163 -14.42 -16.01 -29.11
C SER B 163 -12.90 -16.08 -28.88
N TYR B 164 -12.32 -15.02 -28.31
CA TYR B 164 -10.87 -14.89 -28.18
C TYR B 164 -10.41 -14.58 -26.75
N TYR B 165 -9.15 -14.91 -26.43
CA TYR B 165 -8.54 -14.62 -25.14
C TYR B 165 -7.24 -13.85 -25.36
N LEU B 166 -6.99 -12.79 -24.57
CA LEU B 166 -5.69 -12.09 -24.57
C LEU B 166 -5.16 -11.85 -23.18
N GLY B 167 -3.99 -12.42 -22.85
CA GLY B 167 -3.38 -12.18 -21.55
C GLY B 167 -1.94 -12.57 -21.50
N CYS B 168 -1.22 -12.01 -20.52
CA CYS B 168 0.22 -12.23 -20.38
C CYS B 168 0.57 -12.36 -18.89
N SER B 169 1.62 -13.10 -18.56
CA SER B 169 2.06 -13.32 -17.16
C SER B 169 1.03 -14.24 -16.44
N THR B 170 0.43 -13.78 -15.34
CA THR B 170 -0.72 -14.47 -14.76
C THR B 170 -1.76 -14.69 -15.85
N GLY B 171 -1.93 -13.68 -16.70
CA GLY B 171 -2.84 -13.78 -17.80
C GLY B 171 -2.52 -14.86 -18.83
N GLY B 172 -1.25 -15.11 -19.04
CA GLY B 172 -0.79 -16.23 -19.86
C GLY B 172 -1.12 -17.57 -19.26
N ARG B 173 -0.97 -17.67 -17.94
CA ARG B 173 -1.41 -18.86 -17.20
C ARG B 173 -2.91 -19.06 -17.38
N GLN B 174 -3.67 -17.99 -17.25
CA GLN B 174 -5.13 -18.12 -17.29
C GLN B 174 -5.62 -18.49 -18.71
N GLY B 175 -4.86 -18.07 -19.73
CA GLY B 175 -5.12 -18.53 -21.11
C GLY B 175 -4.90 -20.05 -21.21
N PHE B 176 -3.80 -20.56 -20.65
CA PHE B 176 -3.55 -21.99 -20.68
C PHE B 176 -4.47 -22.81 -19.76
N LYS B 177 -4.94 -22.24 -18.65
CA LYS B 177 -5.96 -22.90 -17.86
C LYS B 177 -7.20 -23.05 -18.72
N SER B 178 -7.52 -22.04 -19.52
CA SER B 178 -8.68 -22.15 -20.42
C SER B 178 -8.49 -23.28 -21.45
N VAL B 179 -7.33 -23.35 -22.08
CA VAL B 179 -7.00 -24.37 -23.08
C VAL B 179 -7.09 -25.74 -22.43
N GLN B 180 -6.58 -25.85 -21.20
CA GLN B 180 -6.50 -27.16 -20.53
C GLN B 180 -7.84 -27.60 -19.94
N LYS B 181 -8.56 -26.70 -19.28
CA LYS B 181 -9.78 -27.05 -18.51
C LYS B 181 -11.09 -26.67 -19.20
N TYR B 182 -11.11 -25.58 -19.97
CA TYR B 182 -12.35 -25.12 -20.66
C TYR B 182 -12.10 -25.00 -22.16
N PRO B 183 -11.84 -26.16 -22.82
CA PRO B 183 -11.50 -26.15 -24.26
C PRO B 183 -12.49 -25.45 -25.18
N ASN B 184 -13.77 -25.37 -24.77
CA ASN B 184 -14.75 -24.64 -25.57
C ASN B 184 -14.96 -23.17 -25.19
N ASP B 185 -14.23 -22.60 -24.23
CA ASP B 185 -14.46 -21.17 -23.95
C ASP B 185 -14.00 -20.27 -25.12
N PHE B 186 -12.89 -20.62 -25.73
CA PHE B 186 -12.29 -19.78 -26.79
C PHE B 186 -12.00 -20.52 -28.09
N ASP B 187 -12.20 -19.83 -29.22
CA ASP B 187 -11.78 -20.31 -30.53
C ASP B 187 -10.30 -20.02 -30.74
N GLY B 188 -9.84 -18.89 -30.21
CA GLY B 188 -8.43 -18.52 -30.28
C GLY B 188 -7.91 -17.90 -28.98
N VAL B 189 -6.74 -18.38 -28.55
CA VAL B 189 -6.14 -17.97 -27.29
C VAL B 189 -4.75 -17.39 -27.56
N VAL B 190 -4.49 -16.18 -27.09
CA VAL B 190 -3.20 -15.54 -27.20
C VAL B 190 -2.63 -15.33 -25.78
N ALA B 191 -1.63 -16.14 -25.42
CA ALA B 191 -1.12 -16.31 -24.08
C ALA B 191 0.34 -16.00 -24.01
N GLY B 192 0.69 -14.90 -23.36
CA GLY B 192 2.11 -14.48 -23.26
C GLY B 192 2.81 -14.84 -21.96
N ALA B 193 4.11 -15.10 -22.03
CA ALA B 193 5.01 -15.32 -20.91
C ALA B 193 4.31 -15.96 -19.71
N PRO B 194 3.82 -17.18 -19.90
CA PRO B 194 2.79 -17.67 -19.01
C PRO B 194 3.33 -18.08 -17.65
N ALA B 195 2.59 -17.72 -16.62
CA ALA B 195 2.88 -18.14 -15.26
C ALA B 195 2.33 -19.52 -14.93
N PHE B 196 2.29 -20.39 -15.91
CA PHE B 196 2.02 -21.80 -15.65
C PHE B 196 3.26 -22.48 -15.04
N ASN B 197 3.11 -23.74 -14.62
CA ASN B 197 4.06 -24.35 -13.66
C ASN B 197 4.12 -23.40 -12.44
N MET B 198 2.96 -22.91 -12.03
CA MET B 198 2.86 -21.78 -11.14
C MET B 198 3.41 -22.02 -9.73
N ILE B 199 3.15 -23.19 -9.17
CA ILE B 199 3.64 -23.46 -7.82
C ILE B 199 5.18 -23.48 -7.85
N ASN B 200 5.74 -24.15 -8.86
CA ASN B 200 7.19 -24.16 -9.01
C ASN B 200 7.79 -22.76 -9.34
N LEU B 201 7.05 -21.93 -10.06
CA LEU B 201 7.46 -20.56 -10.32
C LEU B 201 7.62 -19.76 -9.01
N MET B 202 6.68 -19.94 -8.08
CA MET B 202 6.77 -19.40 -6.73
C MET B 202 8.01 -19.89 -6.00
N SER B 203 8.22 -21.21 -6.03
CA SER B 203 9.41 -21.76 -5.41
C SER B 203 10.71 -21.20 -6.03
N TRP B 204 10.77 -21.13 -7.35
CA TRP B 204 11.94 -20.60 -8.03
C TRP B 204 12.14 -19.14 -7.71
N SER B 205 11.09 -18.38 -7.70
CA SER B 205 11.14 -16.98 -7.29
C SER B 205 11.74 -16.82 -5.87
N ALA B 206 11.25 -17.66 -4.96
CA ALA B 206 11.68 -17.63 -3.60
C ALA B 206 13.13 -18.07 -3.42
N HIS B 207 13.63 -19.00 -4.29
CA HIS B 207 15.01 -19.52 -4.15
C HIS B 207 16.09 -18.51 -4.44
N PHE B 208 15.78 -17.43 -5.16
CA PHE B 208 16.82 -16.41 -5.47
C PHE B 208 17.43 -15.79 -4.17
N TYR B 209 16.61 -15.60 -3.13
CA TYR B 209 17.12 -14.98 -1.88
C TYR B 209 18.25 -15.82 -1.24
N SER B 210 18.11 -17.16 -1.18
CA SER B 210 19.19 -17.94 -0.56
C SER B 210 20.40 -18.00 -1.46
N ILE B 211 20.26 -17.77 -2.76
CA ILE B 211 21.44 -17.63 -3.58
C ILE B 211 22.19 -16.29 -3.36
N THR B 212 21.50 -15.14 -3.50
CA THR B 212 22.19 -13.84 -3.37
C THR B 212 22.57 -13.52 -1.93
N GLY B 213 21.74 -13.99 -0.98
CA GLY B 213 21.76 -13.47 0.37
C GLY B 213 21.34 -11.98 0.38
N PRO B 214 21.33 -11.37 1.59
CA PRO B 214 20.89 -9.96 1.68
C PRO B 214 21.90 -8.96 1.14
N VAL B 215 21.46 -7.73 0.93
CA VAL B 215 22.37 -6.66 0.49
C VAL B 215 23.55 -6.63 1.48
N GLY B 216 24.76 -6.48 0.97
CA GLY B 216 25.94 -6.46 1.87
C GLY B 216 26.52 -7.81 2.30
N SER B 217 25.89 -8.95 1.95
CA SER B 217 26.51 -10.25 2.25
C SER B 217 27.57 -10.50 1.17
N ASP B 218 28.48 -11.42 1.43
CA ASP B 218 29.54 -11.76 0.49
C ASP B 218 29.04 -12.47 -0.82
N THR B 219 27.79 -12.92 -0.86
CA THR B 219 27.24 -13.61 -2.01
C THR B 219 26.44 -12.68 -2.91
N TYR B 220 26.19 -11.46 -2.43
CA TYR B 220 25.30 -10.50 -3.10
C TYR B 220 26.05 -9.64 -4.12
N LEU B 221 25.36 -9.34 -5.24
CA LEU B 221 25.88 -8.47 -6.27
C LEU B 221 25.01 -7.19 -6.32
N SER B 222 25.69 -6.05 -6.36
CA SER B 222 25.05 -4.75 -6.54
C SER B 222 24.54 -4.61 -7.96
N PRO B 223 23.69 -3.58 -8.22
CA PRO B 223 23.27 -3.29 -9.59
C PRO B 223 24.45 -3.01 -10.54
N ASP B 224 25.46 -2.25 -10.10
CA ASP B 224 26.64 -2.08 -10.91
C ASP B 224 27.32 -3.42 -11.25
N LEU B 225 27.44 -4.35 -10.31
CA LEU B 225 28.07 -5.63 -10.68
C LEU B 225 27.19 -6.44 -11.64
N TRP B 226 25.87 -6.35 -11.52
CA TRP B 226 24.96 -6.99 -12.45
C TRP B 226 25.08 -6.37 -13.83
N ASN B 227 25.36 -5.07 -13.89
CA ASN B 227 25.60 -4.44 -15.21
C ASN B 227 26.93 -4.91 -15.83
N ILE B 228 28.00 -4.97 -15.02
CA ILE B 228 29.28 -5.58 -15.44
C ILE B 228 29.07 -7.04 -15.90
N THR B 229 28.25 -7.77 -15.17
CA THR B 229 27.97 -9.15 -15.49
C THR B 229 27.21 -9.22 -16.83
N HIS B 230 26.19 -8.36 -16.99
CA HIS B 230 25.46 -8.28 -18.27
C HIS B 230 26.42 -8.07 -19.46
N LYS B 231 27.37 -7.16 -19.30
CA LYS B 231 28.25 -6.81 -20.41
C LYS B 231 29.15 -7.95 -20.76
N GLU B 232 29.59 -8.71 -19.75
CA GLU B 232 30.43 -9.88 -20.00
C GLU B 232 29.61 -11.00 -20.68
N ILE B 233 28.34 -11.14 -20.30
CA ILE B 233 27.44 -12.09 -20.91
C ILE B 233 27.28 -11.74 -22.41
N LEU B 234 27.14 -10.47 -22.71
CA LEU B 234 27.13 -10.04 -24.13
C LEU B 234 28.45 -10.35 -24.83
N ARG B 235 29.57 -10.04 -24.21
CA ARG B 235 30.84 -10.36 -24.85
C ARG B 235 30.86 -11.86 -25.19
N GLN B 236 30.36 -12.72 -24.31
CA GLN B 236 30.45 -14.17 -24.52
C GLN B 236 29.36 -14.68 -25.47
N CYS B 237 28.20 -14.02 -25.52
CA CYS B 237 27.06 -14.56 -26.22
C CYS B 237 26.42 -13.74 -27.33
N ASP B 238 26.59 -12.42 -27.34
CA ASP B 238 25.79 -11.54 -28.22
C ASP B 238 26.00 -11.96 -29.69
N GLY B 239 27.25 -12.26 -30.03
CA GLY B 239 27.64 -12.58 -31.40
C GLY B 239 27.42 -13.99 -31.87
N ILE B 240 26.94 -14.89 -30.99
CA ILE B 240 26.67 -16.25 -31.44
C ILE B 240 25.62 -16.23 -32.59
N ASP B 241 24.61 -15.36 -32.49
CA ASP B 241 23.58 -15.25 -33.50
C ASP B 241 24.03 -14.55 -34.81
N GLY B 242 25.27 -14.04 -34.81
CA GLY B 242 25.90 -13.39 -35.96
C GLY B 242 25.86 -11.86 -35.92
N ALA B 243 25.04 -11.27 -35.04
CA ALA B 243 24.93 -9.84 -34.95
C ALA B 243 25.37 -9.32 -33.59
N GLU B 244 26.32 -8.38 -33.59
CA GLU B 244 26.74 -7.73 -32.35
C GLU B 244 25.90 -6.52 -32.10
N ASP B 245 24.72 -6.75 -31.54
CA ASP B 245 23.73 -5.73 -31.42
C ASP B 245 23.26 -5.61 -29.98
N GLY B 246 23.96 -6.18 -29.02
CA GLY B 246 23.51 -6.10 -27.64
C GLY B 246 22.31 -7.00 -27.30
N ILE B 247 21.98 -7.94 -28.16
CA ILE B 247 20.80 -8.81 -28.01
C ILE B 247 21.21 -10.27 -28.21
N ILE B 248 20.74 -11.16 -27.34
CA ILE B 248 21.03 -12.57 -27.48
C ILE B 248 19.80 -13.18 -28.16
N GLU B 249 19.90 -13.47 -29.46
CA GLU B 249 18.72 -13.80 -30.23
C GLU B 249 18.04 -15.12 -29.80
N ASP B 250 18.84 -16.08 -29.33
CA ASP B 250 18.34 -17.27 -28.64
C ASP B 250 19.28 -17.65 -27.54
N PRO B 251 18.94 -17.31 -26.31
CA PRO B 251 19.80 -17.56 -25.16
C PRO B 251 19.97 -19.00 -24.76
N SER B 252 19.24 -19.92 -25.40
CA SER B 252 19.52 -21.36 -25.22
C SER B 252 20.93 -21.73 -25.69
N LEU B 253 21.54 -20.95 -26.58
CA LEU B 253 22.92 -21.20 -26.96
C LEU B 253 23.97 -20.55 -26.02
N CYS B 254 23.49 -19.75 -25.09
CA CYS B 254 24.36 -18.97 -24.22
C CYS B 254 24.51 -19.68 -22.88
N SER B 255 25.69 -20.24 -22.63
CA SER B 255 26.04 -20.80 -21.31
C SER B 255 27.24 -20.07 -20.78
N PRO B 256 27.01 -18.95 -20.11
CA PRO B 256 28.16 -18.14 -19.87
C PRO B 256 29.04 -18.68 -18.71
N VAL B 257 30.29 -18.29 -18.76
CA VAL B 257 31.33 -18.74 -17.88
C VAL B 257 31.87 -17.47 -17.18
N LEU B 258 31.29 -17.17 -16.02
CA LEU B 258 31.60 -15.91 -15.31
C LEU B 258 32.83 -15.96 -14.44
N GLU B 259 33.49 -17.10 -14.28
CA GLU B 259 34.82 -17.10 -13.73
C GLU B 259 35.76 -16.21 -14.57
N ALA B 260 35.43 -15.95 -15.84
CA ALA B 260 36.26 -15.03 -16.66
C ALA B 260 36.41 -13.64 -16.03
N ILE B 261 35.46 -13.18 -15.22
CA ILE B 261 35.54 -11.82 -14.64
C ILE B 261 35.74 -11.79 -13.11
N ILE B 262 36.33 -12.86 -12.59
CA ILE B 262 36.80 -12.85 -11.21
C ILE B 262 37.99 -11.84 -11.11
N CYS B 263 37.98 -11.03 -10.05
CA CYS B 263 39.03 -10.01 -9.79
C CYS B 263 40.40 -10.62 -9.78
N LYS B 264 41.32 -10.04 -10.52
CA LYS B 264 42.75 -10.34 -10.41
C LYS B 264 43.33 -9.74 -9.15
N PRO B 265 44.49 -10.23 -8.69
CA PRO B 265 45.04 -9.63 -7.45
C PRO B 265 45.32 -8.12 -7.63
N GLY B 266 44.81 -7.31 -6.69
CA GLY B 266 44.91 -5.86 -6.77
C GLY B 266 44.03 -5.14 -7.78
N GLN B 267 43.05 -5.81 -8.37
CA GLN B 267 42.12 -5.15 -9.31
C GLN B 267 41.04 -4.36 -8.53
N ASN B 268 40.59 -3.25 -9.11
CA ASN B 268 39.42 -2.53 -8.59
C ASN B 268 38.16 -3.42 -8.42
N THR B 269 37.85 -3.72 -7.16
CA THR B 269 36.72 -4.55 -6.71
C THR B 269 35.35 -4.17 -7.23
N THR B 270 35.19 -2.95 -7.74
CA THR B 270 33.89 -2.54 -8.25
C THR B 270 33.77 -2.91 -9.70
N GLU B 271 34.80 -3.44 -10.33
CA GLU B 271 34.62 -3.78 -11.73
C GLU B 271 34.69 -5.28 -12.01
N CYS B 272 34.59 -6.13 -10.99
CA CYS B 272 34.82 -7.55 -11.18
C CYS B 272 34.18 -8.31 -10.04
N LEU B 273 34.17 -9.64 -10.13
CA LEU B 273 33.49 -10.48 -9.13
C LEU B 273 34.47 -11.15 -8.22
N THR B 274 34.08 -11.36 -6.96
CA THR B 274 34.81 -12.31 -6.14
C THR B 274 34.44 -13.72 -6.58
N GLY B 275 35.24 -14.70 -6.22
CA GLY B 275 34.86 -16.09 -6.42
C GLY B 275 33.48 -16.41 -5.86
N LYS B 276 33.14 -15.88 -4.69
CA LYS B 276 31.81 -16.15 -4.18
C LYS B 276 30.73 -15.57 -5.05
N GLN B 277 30.99 -14.38 -5.61
CA GLN B 277 30.02 -13.73 -6.46
C GLN B 277 29.87 -14.48 -7.79
N ALA B 278 30.98 -15.01 -8.31
CA ALA B 278 30.92 -15.84 -9.52
C ALA B 278 30.06 -17.10 -9.28
N HIS B 279 30.25 -17.71 -8.10
CA HIS B 279 29.43 -18.87 -7.66
C HIS B 279 27.96 -18.50 -7.59
N THR B 280 27.65 -17.33 -7.03
CA THR B 280 26.26 -16.85 -6.99
C THR B 280 25.71 -16.81 -8.44
N VAL B 281 26.48 -16.22 -9.36
CA VAL B 281 26.01 -16.06 -10.74
C VAL B 281 25.82 -17.43 -11.44
N ARG B 282 26.74 -18.36 -11.21
CA ARG B 282 26.64 -19.69 -11.81
C ARG B 282 25.35 -20.41 -11.36
N GLU B 283 24.99 -20.26 -10.08
CA GLU B 283 23.78 -20.84 -9.51
C GLU B 283 22.52 -20.14 -10.06
N ILE B 284 22.60 -18.81 -10.21
CA ILE B 284 21.47 -18.07 -10.81
C ILE B 284 21.14 -18.56 -12.25
N PHE B 285 22.12 -19.00 -13.00
CA PHE B 285 21.87 -19.57 -14.32
C PHE B 285 21.79 -21.10 -14.30
N SER B 286 21.43 -21.66 -13.13
CA SER B 286 21.17 -23.06 -12.98
C SER B 286 19.70 -23.29 -12.61
N PRO B 287 19.19 -24.49 -12.98
CA PRO B 287 17.78 -24.75 -12.71
C PRO B 287 17.49 -24.97 -11.23
N LEU B 288 16.21 -24.93 -10.85
CA LEU B 288 15.81 -25.35 -9.52
C LEU B 288 15.35 -26.80 -9.58
N TYR B 289 16.07 -27.66 -8.84
CA TYR B 289 15.71 -29.06 -8.63
C TYR B 289 15.25 -29.27 -7.17
N GLY B 290 14.38 -30.25 -6.99
CA GLY B 290 13.71 -30.43 -5.72
C GLY B 290 14.21 -31.63 -4.95
N VAL B 291 13.38 -32.00 -3.97
CA VAL B 291 13.67 -32.98 -2.96
C VAL B 291 14.28 -34.28 -3.42
N ASN B 292 13.73 -34.86 -4.47
CA ASN B 292 14.24 -36.16 -4.91
C ASN B 292 15.05 -36.06 -6.21
N GLY B 293 15.70 -34.93 -6.44
CA GLY B 293 16.50 -34.73 -7.64
C GLY B 293 15.64 -34.58 -8.89
N THR B 294 14.44 -34.07 -8.75
CA THR B 294 13.49 -33.87 -9.83
C THR B 294 13.50 -32.39 -10.21
N LEU B 295 13.38 -32.09 -11.47
CA LEU B 295 13.38 -30.71 -11.97
C LEU B 295 12.13 -30.00 -11.53
N LEU B 296 12.23 -28.85 -10.89
CA LEU B 296 11.07 -28.02 -10.60
C LEU B 296 10.87 -26.84 -11.60
N TYR B 297 11.95 -26.16 -11.93
CA TYR B 297 11.85 -24.93 -12.76
C TYR B 297 13.19 -24.72 -13.43
N PRO B 298 13.19 -24.38 -14.73
CA PRO B 298 14.45 -24.25 -15.40
C PRO B 298 15.22 -22.99 -15.01
N ARG B 299 16.46 -22.88 -15.47
CA ARG B 299 17.26 -21.66 -15.21
C ARG B 299 16.62 -20.37 -15.72
N MET B 300 16.93 -19.28 -15.01
CA MET B 300 16.86 -17.90 -15.59
C MET B 300 17.69 -17.86 -16.87
N GLN B 301 17.12 -17.37 -17.96
CA GLN B 301 17.91 -17.27 -19.20
C GLN B 301 18.82 -16.05 -19.12
N PRO B 302 20.10 -16.20 -19.52
CA PRO B 302 20.96 -15.04 -19.51
C PRO B 302 20.43 -13.89 -20.40
N GLY B 303 20.62 -12.68 -19.92
CA GLY B 303 20.36 -11.44 -20.68
C GLY B 303 19.43 -10.51 -19.96
N SER B 304 18.78 -10.98 -18.88
CA SER B 304 17.74 -10.22 -18.18
C SER B 304 18.30 -9.46 -16.92
N GLU B 305 19.61 -9.31 -16.85
CA GLU B 305 20.28 -8.92 -15.61
C GLU B 305 19.91 -7.53 -15.11
N VAL B 306 19.83 -6.56 -16.04
CA VAL B 306 19.64 -5.17 -15.63
C VAL B 306 18.29 -5.02 -14.89
N MET B 307 17.19 -5.49 -15.46
CA MET B 307 15.89 -5.39 -14.78
C MET B 307 15.78 -6.39 -13.60
N ALA B 308 16.37 -7.58 -13.73
CA ALA B 308 16.24 -8.58 -12.62
C ALA B 308 16.91 -8.12 -11.31
N SER B 309 17.99 -7.33 -11.43
CA SER B 309 18.69 -6.75 -10.28
C SER B 309 17.74 -6.06 -9.27
N SER B 310 16.74 -5.33 -9.76
CA SER B 310 15.88 -4.61 -8.86
C SER B 310 14.75 -5.42 -8.28
N ILE B 311 14.46 -6.61 -8.81
CA ILE B 311 13.35 -7.39 -8.33
C ILE B 311 13.91 -8.73 -7.84
N MET B 312 14.23 -9.66 -8.73
CA MET B 312 14.60 -11.02 -8.26
C MET B 312 15.89 -11.07 -7.48
N TYR B 313 16.84 -10.18 -7.79
CA TYR B 313 18.16 -10.25 -7.16
C TYR B 313 18.44 -9.06 -6.15
N ASN B 314 17.39 -8.42 -5.68
CA ASN B 314 17.50 -7.23 -4.82
C ASN B 314 17.83 -7.50 -3.36
N GLY B 315 18.00 -8.75 -2.95
CA GLY B 315 18.38 -9.04 -1.57
C GLY B 315 17.23 -9.17 -0.59
N GLN B 316 16.01 -9.15 -1.10
CA GLN B 316 14.80 -9.42 -0.32
C GLN B 316 14.09 -10.65 -0.89
N PRO B 317 13.42 -11.42 -0.07
CA PRO B 317 12.49 -12.43 -0.61
C PRO B 317 11.45 -11.85 -1.56
N PHE B 318 11.25 -12.48 -2.70
CA PHE B 318 10.22 -12.05 -3.62
C PHE B 318 8.87 -12.08 -2.91
N GLN B 319 8.08 -11.02 -3.07
CA GLN B 319 6.90 -10.82 -2.24
C GLN B 319 5.77 -11.78 -2.62
N TYR B 320 5.53 -12.02 -3.92
CA TYR B 320 4.43 -12.89 -4.31
C TYR B 320 4.60 -14.29 -3.76
N SER B 321 5.83 -14.83 -3.84
CA SER B 321 6.08 -16.16 -3.29
C SER B 321 6.01 -16.18 -1.76
N ALA B 322 6.48 -15.13 -1.11
CA ALA B 322 6.34 -15.08 0.36
C ALA B 322 4.90 -15.14 0.72
N ASP B 323 4.08 -14.33 0.04
CA ASP B 323 2.66 -14.32 0.29
C ASP B 323 2.02 -15.69 0.03
N TRP B 324 2.44 -16.36 -1.04
CA TRP B 324 1.91 -17.68 -1.38
C TRP B 324 2.20 -18.64 -0.22
N TYR B 325 3.44 -18.67 0.25
CA TYR B 325 3.78 -19.61 1.30
C TYR B 325 3.08 -19.24 2.65
N ARG B 326 2.98 -17.94 2.96
CA ARG B 326 2.29 -17.49 4.17
C ARG B 326 0.82 -17.79 4.19
N TYR B 327 0.12 -17.35 3.16
CA TYR B 327 -1.33 -17.34 3.25
C TYR B 327 -2.03 -18.58 2.72
N VAL B 328 -1.34 -19.38 1.90
CA VAL B 328 -1.91 -20.59 1.32
C VAL B 328 -1.16 -21.85 1.74
N VAL B 329 0.16 -21.89 1.57
CA VAL B 329 0.82 -23.18 1.83
C VAL B 329 0.77 -23.49 3.33
N TYR B 330 1.26 -22.56 4.16
CA TYR B 330 1.38 -22.85 5.60
C TYR B 330 0.33 -22.17 6.51
N GLU B 331 -0.46 -21.26 5.97
CA GLU B 331 -1.38 -20.47 6.76
C GLU B 331 -0.77 -19.91 8.01
N ASN B 332 0.37 -19.26 7.81
CA ASN B 332 1.08 -18.61 8.87
C ASN B 332 1.57 -17.27 8.36
N PRO B 333 0.88 -16.17 8.73
CA PRO B 333 1.29 -14.85 8.26
C PRO B 333 2.70 -14.44 8.69
N ASN B 334 3.27 -15.10 9.68
CA ASN B 334 4.63 -14.80 10.12
C ASN B 334 5.69 -15.70 9.53
N TRP B 335 5.34 -16.58 8.60
CA TRP B 335 6.32 -17.48 7.98
C TRP B 335 7.47 -16.69 7.42
N ASP B 336 8.70 -17.12 7.70
CA ASP B 336 9.91 -16.37 7.35
C ASP B 336 10.44 -16.86 5.97
N ALA B 337 10.18 -16.05 4.95
CA ALA B 337 10.59 -16.39 3.57
C ALA B 337 12.12 -16.40 3.32
N THR B 338 12.92 -15.89 4.25
CA THR B 338 14.37 -15.96 4.11
C THR B 338 14.83 -17.37 4.41
N LYS B 339 13.99 -18.23 4.94
CA LYS B 339 14.42 -19.60 5.25
C LYS B 339 13.75 -20.64 4.34
N PHE B 340 13.20 -20.20 3.20
CA PHE B 340 12.73 -21.06 2.14
C PHE B 340 13.71 -22.18 1.85
N SER B 341 13.24 -23.42 1.74
CA SER B 341 14.11 -24.52 1.32
C SER B 341 13.33 -25.40 0.34
N VAL B 342 13.99 -26.40 -0.24
CA VAL B 342 13.31 -27.27 -1.19
C VAL B 342 12.27 -28.19 -0.53
N ARG B 343 12.38 -28.40 0.79
CA ARG B 343 11.35 -29.12 1.53
C ARG B 343 10.02 -28.33 1.45
N ASP B 344 10.09 -27.01 1.57
CA ASP B 344 8.88 -26.16 1.37
C ASP B 344 8.30 -26.33 -0.04
N ALA B 345 9.18 -26.40 -1.02
CA ALA B 345 8.76 -26.54 -2.41
C ALA B 345 8.01 -27.83 -2.64
N ALA B 346 8.42 -28.90 -1.94
CA ALA B 346 7.72 -30.18 -2.10
C ALA B 346 6.33 -30.11 -1.47
N VAL B 347 6.21 -29.47 -0.29
CA VAL B 347 4.89 -29.33 0.37
C VAL B 347 3.94 -28.53 -0.54
N ALA B 348 4.43 -27.41 -1.09
CA ALA B 348 3.64 -26.57 -1.95
C ALA B 348 3.18 -27.30 -3.23
N LEU B 349 4.08 -28.07 -3.84
CA LEU B 349 3.78 -28.73 -5.08
C LEU B 349 2.76 -29.84 -4.86
N LYS B 350 2.88 -30.55 -3.74
CA LYS B 350 1.94 -31.60 -3.42
C LYS B 350 0.58 -30.99 -3.14
N GLN B 351 0.52 -29.84 -2.48
CA GLN B 351 -0.77 -29.19 -2.22
C GLN B 351 -1.47 -28.77 -3.52
N ASN B 352 -0.74 -28.11 -4.42
CA ASN B 352 -1.27 -27.71 -5.75
C ASN B 352 -2.76 -27.35 -5.76
N PRO B 353 -3.15 -26.30 -5.04
CA PRO B 353 -4.61 -26.08 -4.84
C PRO B 353 -5.37 -25.73 -6.11
N PHE B 354 -6.49 -26.44 -6.32
CA PHE B 354 -7.31 -26.35 -7.52
C PHE B 354 -6.50 -26.44 -8.81
N ASN B 355 -5.42 -27.20 -8.77
CA ASN B 355 -4.53 -27.38 -9.92
C ASN B 355 -4.03 -26.03 -10.48
N LEU B 356 -3.62 -25.15 -9.58
CA LEU B 356 -3.05 -23.88 -9.97
C LEU B 356 -1.80 -24.12 -10.84
N GLN B 357 -1.11 -25.25 -10.66
CA GLN B 357 0.01 -25.56 -11.53
C GLN B 357 -0.28 -25.21 -13.00
N THR B 358 -1.51 -25.49 -13.46
CA THR B 358 -1.90 -25.21 -14.86
C THR B 358 -0.85 -25.76 -15.83
N TRP B 359 -0.46 -27.02 -15.58
CA TRP B 359 0.69 -27.64 -16.23
C TRP B 359 0.33 -28.95 -16.98
N ASP B 360 -0.95 -29.10 -17.29
CA ASP B 360 -1.45 -30.29 -18.02
C ASP B 360 -0.94 -30.20 -19.48
N ALA B 361 -0.16 -31.19 -19.89
CA ALA B 361 0.51 -31.20 -21.20
C ALA B 361 -0.31 -31.88 -22.30
N ASP B 362 -1.39 -32.55 -21.91
CA ASP B 362 -2.28 -33.15 -22.90
C ASP B 362 -3.43 -32.19 -23.19
N ILE B 363 -3.32 -31.44 -24.28
CA ILE B 363 -4.30 -30.46 -24.68
C ILE B 363 -5.04 -30.93 -25.96
N SER B 364 -5.22 -32.25 -26.06
CA SER B 364 -6.09 -32.89 -27.06
C SER B 364 -7.49 -32.36 -27.09
N SER B 365 -8.11 -32.18 -25.94
CA SER B 365 -9.53 -31.69 -25.92
C SER B 365 -9.61 -30.32 -26.59
N PHE B 366 -8.63 -29.42 -26.35
CA PHE B 366 -8.60 -28.15 -27.06
C PHE B 366 -8.41 -28.33 -28.57
N ARG B 367 -7.45 -29.16 -28.99
CA ARG B 367 -7.26 -29.43 -30.42
C ARG B 367 -8.58 -29.97 -31.00
N LYS B 368 -9.18 -30.95 -30.35
CA LYS B 368 -10.44 -31.56 -30.85
C LYS B 368 -11.60 -30.57 -30.94
N ALA B 369 -11.65 -29.62 -30.03
CA ALA B 369 -12.71 -28.63 -30.09
C ALA B 369 -12.50 -27.65 -31.25
N GLY B 370 -11.34 -27.67 -31.91
CA GLY B 370 -11.07 -26.71 -33.01
C GLY B 370 -10.31 -25.43 -32.61
N GLY B 371 -9.90 -25.35 -31.35
CA GLY B 371 -9.15 -24.17 -30.89
C GLY B 371 -7.73 -24.01 -31.42
N LYS B 372 -7.31 -22.76 -31.51
CA LYS B 372 -5.94 -22.39 -31.84
C LYS B 372 -5.36 -21.60 -30.65
N VAL B 373 -4.12 -21.91 -30.27
CA VAL B 373 -3.42 -21.16 -29.24
C VAL B 373 -2.06 -20.66 -29.77
N LEU B 374 -1.82 -19.36 -29.57
CA LEU B 374 -0.57 -18.72 -29.92
C LEU B 374 0.05 -18.22 -28.63
N THR B 375 1.29 -18.64 -28.36
CA THR B 375 1.99 -18.16 -27.16
C THR B 375 3.32 -17.58 -27.63
N TYR B 376 3.86 -16.66 -26.84
CA TYR B 376 5.09 -15.93 -27.10
C TYR B 376 5.73 -15.69 -25.76
N HIS B 377 7.07 -15.57 -25.77
CA HIS B 377 7.83 -15.30 -24.56
C HIS B 377 9.06 -14.48 -24.89
N GLY B 378 9.27 -13.39 -24.13
CA GLY B 378 10.43 -12.55 -24.35
C GLY B 378 11.69 -13.25 -23.88
N LEU B 379 12.75 -13.10 -24.67
CA LEU B 379 13.97 -13.83 -24.36
C LEU B 379 14.94 -13.16 -23.40
N MET B 380 14.56 -11.98 -22.90
CA MET B 380 15.28 -11.37 -21.76
C MET B 380 14.30 -11.08 -20.62
N ASP B 381 13.44 -12.06 -20.36
CA ASP B 381 12.40 -11.95 -19.34
C ASP B 381 13.05 -12.01 -17.96
N GLN B 382 12.81 -10.96 -17.16
CA GLN B 382 13.39 -10.82 -15.80
C GLN B 382 12.55 -11.40 -14.68
N LEU B 383 11.32 -11.82 -14.98
CA LEU B 383 10.37 -12.35 -14.00
C LEU B 383 10.01 -13.85 -14.15
N ILE B 384 9.78 -14.27 -15.39
CA ILE B 384 9.38 -15.65 -15.70
C ILE B 384 10.32 -16.12 -16.82
N SER B 385 11.24 -17.05 -16.50
CA SER B 385 12.19 -17.48 -17.48
C SER B 385 11.52 -17.98 -18.76
N SER B 386 11.99 -17.46 -19.89
CA SER B 386 11.59 -17.98 -21.20
C SER B 386 11.79 -19.51 -21.36
N GLU B 387 12.78 -20.06 -20.65
N GLU B 387 12.75 -20.07 -20.60
CA GLU B 387 13.03 -21.49 -20.68
CA GLU B 387 13.07 -21.49 -20.68
C GLU B 387 11.86 -22.34 -20.19
C GLU B 387 11.88 -22.36 -20.17
N ASN B 388 10.98 -21.75 -19.38
CA ASN B 388 9.84 -22.52 -18.85
C ASN B 388 8.78 -22.76 -19.95
N SER B 389 8.67 -21.82 -20.88
CA SER B 389 7.77 -22.02 -22.03
C SER B 389 8.35 -23.08 -22.99
N LYS B 390 9.66 -23.10 -23.12
CA LYS B 390 10.36 -24.13 -23.92
C LYS B 390 10.17 -25.51 -23.30
N LEU B 391 10.17 -25.57 -21.98
CA LEU B 391 9.89 -26.80 -21.24
C LEU B 391 8.46 -27.27 -21.47
N TYR B 392 7.51 -26.36 -21.41
CA TYR B 392 6.15 -26.78 -21.64
C TYR B 392 5.99 -27.37 -23.05
N TYR B 393 6.58 -26.73 -24.03
CA TYR B 393 6.49 -27.17 -25.43
C TYR B 393 6.99 -28.61 -25.59
N ALA B 394 8.14 -28.92 -25.01
CA ALA B 394 8.65 -30.30 -25.04
C ALA B 394 7.70 -31.28 -24.38
N ARG B 395 7.15 -30.89 -23.25
CA ARG B 395 6.24 -31.77 -22.54
C ARG B 395 4.97 -32.05 -23.33
N VAL B 396 4.40 -31.03 -24.01
CA VAL B 396 3.20 -31.21 -24.84
C VAL B 396 3.53 -32.18 -25.99
N ALA B 397 4.65 -31.98 -26.67
CA ALA B 397 5.05 -32.85 -27.79
C ALA B 397 5.21 -34.28 -27.33
N GLU B 398 5.88 -34.46 -26.19
CA GLU B 398 6.11 -35.77 -25.63
C GLU B 398 4.82 -36.47 -25.22
N THR B 399 3.95 -35.73 -24.55
CA THR B 399 2.76 -36.28 -23.99
C THR B 399 1.77 -36.58 -25.09
N MET B 400 1.63 -35.64 -26.03
CA MET B 400 0.69 -35.82 -27.10
C MET B 400 1.28 -36.71 -28.20
N ASN B 401 2.55 -37.04 -28.11
CA ASN B 401 3.20 -37.98 -29.06
C ASN B 401 3.16 -37.44 -30.49
N VAL B 402 3.47 -36.14 -30.65
CA VAL B 402 3.55 -35.55 -31.98
C VAL B 402 4.75 -34.58 -32.08
N PRO B 403 5.26 -34.34 -33.31
CA PRO B 403 6.33 -33.37 -33.54
C PRO B 403 5.80 -31.97 -33.79
N PRO B 404 6.67 -30.98 -33.92
CA PRO B 404 6.26 -29.61 -34.17
C PRO B 404 5.34 -29.38 -35.36
N GLU B 405 5.56 -30.12 -36.47
CA GLU B 405 4.69 -29.99 -37.67
C GLU B 405 3.24 -30.29 -37.36
N GLU B 406 2.97 -31.22 -36.48
CA GLU B 406 1.63 -31.55 -36.07
C GLU B 406 1.08 -30.54 -35.06
N LEU B 407 1.88 -30.19 -34.04
CA LEU B 407 1.50 -29.16 -33.07
C LEU B 407 1.15 -27.83 -33.77
N ASP B 408 1.90 -27.49 -34.81
CA ASP B 408 1.66 -26.30 -35.66
C ASP B 408 0.22 -26.10 -36.13
N GLU B 409 -0.54 -27.18 -36.23
CA GLU B 409 -1.95 -27.08 -36.61
C GLU B 409 -2.80 -26.37 -35.59
N PHE B 410 -2.44 -26.41 -34.29
CA PHE B 410 -3.26 -25.80 -33.25
C PHE B 410 -2.52 -25.04 -32.15
N TYR B 411 -1.19 -25.12 -32.12
CA TYR B 411 -0.38 -24.56 -31.01
C TYR B 411 0.93 -24.09 -31.58
N ARG B 412 1.11 -22.76 -31.59
CA ARG B 412 2.34 -22.15 -32.09
C ARG B 412 2.93 -21.22 -31.04
N PHE B 413 4.25 -21.32 -30.86
CA PHE B 413 5.05 -20.62 -29.83
C PHE B 413 6.12 -19.80 -30.53
N PHE B 414 6.06 -18.49 -30.34
CA PHE B 414 7.04 -17.57 -30.90
C PHE B 414 8.02 -17.07 -29.83
N GLN B 415 9.31 -17.24 -30.06
CA GLN B 415 10.32 -16.73 -29.08
C GLN B 415 10.82 -15.36 -29.55
N ILE B 416 10.67 -14.34 -28.69
CA ILE B 416 10.82 -12.95 -29.09
C ILE B 416 12.13 -12.39 -28.56
N SER B 417 13.11 -12.21 -29.43
CA SER B 417 14.37 -11.55 -29.07
C SER B 417 14.20 -10.14 -28.57
N GLY B 418 14.99 -9.79 -27.58
CA GLY B 418 15.06 -8.44 -27.05
C GLY B 418 13.79 -7.97 -26.39
N MET B 419 12.96 -8.90 -25.92
CA MET B 419 11.77 -8.52 -25.17
C MET B 419 11.89 -8.98 -23.71
N ALA B 420 11.51 -8.09 -22.81
CA ALA B 420 11.52 -8.35 -21.38
C ALA B 420 10.20 -9.04 -20.97
N HIS B 421 9.76 -8.88 -19.72
CA HIS B 421 8.52 -9.53 -19.29
C HIS B 421 7.27 -8.83 -19.81
N CYS B 422 6.62 -9.49 -20.77
CA CYS B 422 5.38 -9.02 -21.43
C CYS B 422 5.58 -7.79 -22.33
N SER B 423 6.53 -6.91 -22.04
CA SER B 423 6.75 -5.65 -22.80
C SER B 423 8.12 -5.12 -22.47
N GLY B 424 8.61 -4.17 -23.27
CA GLY B 424 9.94 -3.54 -23.01
C GLY B 424 11.04 -4.48 -23.45
N GLY B 425 12.26 -4.09 -23.16
CA GLY B 425 13.47 -4.80 -23.59
C GLY B 425 14.37 -4.03 -24.54
N ASP B 426 15.52 -4.60 -24.90
CA ASP B 426 16.52 -3.96 -25.73
C ASP B 426 16.26 -4.04 -27.25
N GLY B 427 15.35 -4.87 -27.69
CA GLY B 427 15.21 -5.13 -29.12
C GLY B 427 13.79 -4.94 -29.61
N ALA B 428 13.39 -5.78 -30.58
CA ALA B 428 12.13 -5.56 -31.32
C ALA B 428 10.91 -6.18 -30.65
N TYR B 429 10.55 -5.62 -29.48
CA TYR B 429 9.48 -6.16 -28.66
C TYR B 429 8.09 -5.76 -29.11
N GLY B 430 8.02 -4.92 -30.12
CA GLY B 430 6.73 -4.34 -30.53
C GLY B 430 5.87 -5.23 -31.38
N ILE B 431 5.26 -6.25 -30.74
CA ILE B 431 4.51 -7.32 -31.44
C ILE B 431 3.00 -7.23 -31.22
N GLY B 432 2.56 -6.15 -30.58
CA GLY B 432 1.14 -5.89 -30.46
C GLY B 432 0.34 -6.83 -29.53
N ASN B 433 1.00 -7.41 -28.51
CA ASN B 433 0.24 -8.10 -27.47
C ASN B 433 -0.51 -7.15 -26.51
N GLN B 434 -0.12 -5.88 -26.49
CA GLN B 434 -0.72 -4.87 -25.62
C GLN B 434 -0.58 -3.52 -26.29
N LEU B 435 -1.26 -2.48 -25.79
CA LEU B 435 -1.10 -1.12 -26.32
C LEU B 435 0.34 -0.66 -26.26
N VAL B 436 0.99 -0.93 -25.15
CA VAL B 436 2.37 -0.52 -24.95
C VAL B 436 3.35 -1.25 -25.89
N THR B 437 2.93 -2.29 -26.61
CA THR B 437 3.80 -2.96 -27.58
C THR B 437 3.26 -2.87 -29.02
N TYR B 438 2.31 -1.97 -29.24
CA TYR B 438 1.59 -1.88 -30.48
C TYR B 438 2.41 -1.22 -31.58
N ASN B 439 2.54 -1.90 -32.70
CA ASN B 439 3.14 -1.35 -33.88
C ASN B 439 1.97 -0.90 -34.77
N ASP B 440 1.29 -1.83 -35.42
CA ASP B 440 -0.01 -1.49 -36.05
C ASP B 440 -0.88 -2.73 -35.96
N ALA B 441 -2.03 -2.73 -36.65
CA ALA B 441 -3.04 -3.79 -36.53
C ALA B 441 -2.88 -4.94 -37.52
N ASN B 442 -1.85 -4.91 -38.35
CA ASN B 442 -1.70 -5.90 -39.42
C ASN B 442 -1.37 -7.25 -38.80
N PRO B 443 -2.02 -8.32 -39.29
CA PRO B 443 -1.82 -9.65 -38.67
C PRO B 443 -0.37 -10.09 -38.63
N GLU B 444 0.47 -9.61 -39.55
CA GLU B 444 1.88 -10.06 -39.59
C GLU B 444 2.69 -9.50 -38.42
N ASN B 445 2.22 -8.37 -37.88
CA ASN B 445 2.89 -7.54 -36.88
C ASN B 445 2.20 -7.52 -35.50
N ASN B 446 1.10 -8.24 -35.36
CA ASN B 446 0.20 -8.03 -34.23
C ASN B 446 -0.34 -9.41 -33.82
N VAL B 447 0.07 -9.92 -32.64
CA VAL B 447 -0.28 -11.30 -32.27
C VAL B 447 -1.78 -11.57 -32.16
N LEU B 448 -2.52 -10.58 -31.69
CA LEU B 448 -3.94 -10.71 -31.54
C LEU B 448 -4.59 -10.78 -32.92
N MET B 449 -4.20 -9.89 -33.84
CA MET B 449 -4.87 -9.93 -35.16
C MET B 449 -4.38 -11.12 -35.97
N ALA B 450 -3.19 -11.62 -35.65
CA ALA B 450 -2.68 -12.85 -36.27
C ALA B 450 -3.56 -14.03 -35.89
N MET B 451 -4.02 -14.08 -34.63
CA MET B 451 -4.90 -15.12 -34.17
C MET B 451 -6.27 -15.03 -34.81
N VAL B 452 -6.78 -13.79 -34.93
CA VAL B 452 -8.03 -13.57 -35.64
C VAL B 452 -7.95 -14.15 -37.05
N GLN B 453 -6.84 -13.87 -37.74
CA GLN B 453 -6.63 -14.35 -39.12
C GLN B 453 -6.54 -15.87 -39.18
N TRP B 454 -5.84 -16.45 -38.20
CA TRP B 454 -5.69 -17.90 -38.14
C TRP B 454 -7.05 -18.57 -37.97
N VAL B 455 -7.83 -18.06 -37.00
CA VAL B 455 -9.13 -18.64 -36.70
C VAL B 455 -10.14 -18.40 -37.84
N GLU B 456 -10.23 -17.17 -38.32
CA GLU B 456 -11.30 -16.79 -39.27
C GLU B 456 -10.98 -17.07 -40.75
N LYS B 457 -9.72 -16.98 -41.18
CA LYS B 457 -9.36 -17.26 -42.53
C LYS B 457 -8.49 -18.54 -42.70
N GLY B 458 -8.18 -19.24 -41.62
CA GLY B 458 -7.34 -20.43 -41.71
C GLY B 458 -5.90 -20.10 -42.08
N ILE B 459 -5.47 -18.85 -41.94
CA ILE B 459 -4.07 -18.48 -42.22
C ILE B 459 -3.21 -18.38 -40.95
N ALA B 460 -2.38 -19.40 -40.73
CA ALA B 460 -1.60 -19.52 -39.54
C ALA B 460 -0.37 -18.62 -39.60
N PRO B 461 0.04 -18.03 -38.47
CA PRO B 461 1.25 -17.21 -38.53
C PRO B 461 2.55 -18.06 -38.59
N GLU B 462 3.43 -17.66 -39.49
CA GLU B 462 4.72 -18.32 -39.71
C GLU B 462 5.77 -17.73 -38.84
N THR B 463 5.76 -16.40 -38.76
CA THR B 463 6.66 -15.61 -37.93
C THR B 463 5.78 -14.52 -37.28
N ILE B 464 6.33 -13.79 -36.32
CA ILE B 464 5.64 -12.62 -35.73
C ILE B 464 6.61 -11.46 -35.78
N ARG B 465 6.30 -10.45 -36.60
CA ARG B 465 7.17 -9.27 -36.79
C ARG B 465 6.97 -8.34 -35.59
N GLY B 466 8.09 -7.94 -34.97
CA GLY B 466 8.12 -6.92 -33.93
C GLY B 466 8.93 -5.71 -34.35
N ALA B 467 8.56 -4.58 -33.74
CA ALA B 467 9.22 -3.29 -33.97
C ALA B 467 10.15 -2.99 -32.78
N LYS B 468 11.33 -2.46 -33.09
CA LYS B 468 12.12 -1.76 -32.10
C LYS B 468 11.83 -0.28 -32.35
N PHE B 469 11.28 0.40 -31.35
CA PHE B 469 10.89 1.79 -31.42
C PHE B 469 12.03 2.73 -31.08
N THR B 470 12.03 3.92 -31.69
CA THR B 470 13.01 4.96 -31.29
C THR B 470 12.78 5.44 -29.85
N ASN B 471 11.52 5.60 -29.45
CA ASN B 471 11.14 6.09 -28.10
C ASN B 471 9.75 5.53 -27.68
N GLY B 472 9.58 4.20 -27.66
CA GLY B 472 8.30 3.58 -27.26
C GLY B 472 7.22 3.58 -28.35
N THR B 473 6.14 2.86 -28.08
CA THR B 473 5.03 2.72 -29.04
C THR B 473 4.56 4.11 -29.45
N GLY B 474 4.25 4.30 -30.72
CA GLY B 474 3.84 5.59 -31.23
C GLY B 474 5.00 6.48 -31.70
N SER B 475 6.25 6.09 -31.44
CA SER B 475 7.40 6.81 -32.01
C SER B 475 7.77 6.13 -33.31
N ALA B 476 8.74 6.68 -34.02
CA ALA B 476 9.09 6.10 -35.32
C ALA B 476 9.72 4.73 -35.02
N VAL B 477 9.46 3.80 -35.92
CA VAL B 477 10.02 2.46 -35.84
C VAL B 477 11.45 2.57 -36.32
N GLU B 478 12.41 2.09 -35.54
CA GLU B 478 13.81 2.09 -35.94
C GLU B 478 14.14 0.90 -36.84
N TYR B 479 13.68 -0.29 -36.44
CA TYR B 479 13.83 -1.45 -37.31
C TYR B 479 12.81 -2.53 -36.86
N THR B 480 12.69 -3.52 -37.70
CA THR B 480 11.75 -4.56 -37.56
C THR B 480 12.49 -5.91 -37.62
N ARG B 481 11.91 -6.93 -37.00
CA ARG B 481 12.42 -8.30 -37.07
C ARG B 481 11.28 -9.30 -37.02
N LYS B 482 11.38 -10.33 -37.85
CA LYS B 482 10.41 -11.41 -37.90
C LYS B 482 10.85 -12.53 -36.97
N HIS B 483 10.23 -12.57 -35.79
CA HIS B 483 10.58 -13.52 -34.76
C HIS B 483 10.09 -14.91 -35.17
N CYS B 484 10.88 -15.90 -34.82
CA CYS B 484 10.72 -17.25 -35.31
C CYS B 484 9.77 -18.11 -34.49
N ARG B 485 9.25 -19.16 -35.15
CA ARG B 485 8.32 -20.08 -34.55
C ARG B 485 9.14 -21.22 -33.98
N TYR B 486 9.06 -21.43 -32.66
CA TYR B 486 9.84 -22.43 -31.94
C TYR B 486 9.46 -23.80 -32.54
N PRO B 487 10.43 -24.70 -32.74
CA PRO B 487 11.81 -24.60 -32.25
C PRO B 487 12.83 -23.89 -33.13
N ARG B 488 12.44 -23.08 -34.10
CA ARG B 488 13.40 -22.32 -34.86
C ARG B 488 14.00 -21.14 -34.06
N ARG B 489 15.20 -20.73 -34.45
CA ARG B 489 15.85 -19.51 -33.91
C ARG B 489 16.30 -18.62 -35.07
N ASN B 490 16.51 -17.34 -34.78
CA ASN B 490 16.91 -16.36 -35.75
C ASN B 490 18.45 -16.25 -35.81
N VAL B 491 18.98 -16.17 -37.04
CA VAL B 491 20.43 -16.04 -37.28
C VAL B 491 20.64 -14.98 -38.33
N TYR B 492 21.58 -14.07 -38.06
CA TYR B 492 21.86 -12.95 -38.94
C TYR B 492 22.81 -13.47 -40.01
N LYS B 493 22.39 -13.43 -41.28
CA LYS B 493 23.18 -13.96 -42.39
C LYS B 493 23.59 -12.89 -43.39
N GLY B 494 22.96 -11.73 -43.35
CA GLY B 494 23.06 -10.76 -44.44
C GLY B 494 22.30 -11.23 -45.70
N PRO B 495 22.49 -10.55 -46.83
CA PRO B 495 23.39 -9.40 -46.97
C PRO B 495 22.69 -8.20 -46.40
N GLY B 496 23.38 -7.10 -46.23
CA GLY B 496 22.75 -5.96 -45.60
C GLY B 496 22.91 -6.00 -44.11
N ASN B 497 22.58 -4.87 -43.51
CA ASN B 497 22.75 -4.63 -42.11
C ASN B 497 21.77 -5.47 -41.27
N TYR B 498 22.08 -5.64 -39.98
CA TYR B 498 21.22 -6.47 -39.14
C TYR B 498 19.87 -5.81 -38.86
N THR B 499 19.73 -4.52 -39.17
CA THR B 499 18.46 -3.82 -39.08
C THR B 499 17.49 -4.14 -40.20
N ASP B 500 17.98 -4.82 -41.24
CA ASP B 500 17.08 -5.29 -42.29
C ASP B 500 16.53 -6.67 -41.91
N GLU B 501 15.22 -6.74 -41.75
CA GLU B 501 14.61 -7.99 -41.33
C GLU B 501 14.92 -9.13 -42.31
N ASN B 502 15.16 -8.80 -43.57
CA ASN B 502 15.46 -9.80 -44.61
C ASN B 502 16.87 -10.35 -44.54
N ALA B 503 17.74 -9.73 -43.74
CA ALA B 503 19.11 -10.23 -43.52
C ALA B 503 19.20 -11.39 -42.48
N TRP B 504 18.07 -11.73 -41.88
CA TRP B 504 17.95 -12.82 -40.86
C TRP B 504 17.22 -14.01 -41.44
N GLN B 505 17.44 -15.18 -40.89
CA GLN B 505 16.73 -16.38 -41.32
C GLN B 505 16.40 -17.20 -40.05
N CYS B 506 15.20 -17.72 -40.00
CA CYS B 506 14.78 -18.65 -38.95
C CYS B 506 15.27 -20.04 -39.28
N VAL B 507 16.01 -20.63 -38.38
CA VAL B 507 16.78 -21.80 -38.71
C VAL B 507 16.45 -22.88 -37.70
C1 NAG C . 14.78 -1.49 20.23
C2 NAG C . 16.14 -2.11 20.41
C3 NAG C . 16.95 -2.11 19.14
C4 NAG C . 16.18 -2.68 17.97
C5 NAG C . 14.80 -1.98 17.86
C6 NAG C . 13.94 -2.55 16.74
C7 NAG C . 17.45 -1.85 22.49
C8 NAG C . 17.26 -3.31 22.80
N2 NAG C . 16.88 -1.35 21.41
O3 NAG C . 18.06 -2.92 19.38
O4 NAG C . 16.98 -2.44 16.82
O5 NAG C . 14.10 -2.08 19.10
O6 NAG C . 12.85 -1.68 16.38
O7 NAG C . 18.13 -1.10 23.20
C1 NAG C . 17.45 -3.69 16.19
C2 NAG C . 17.85 -3.39 14.72
C3 NAG C . 18.68 -4.52 14.09
C4 NAG C . 19.87 -4.92 15.01
C5 NAG C . 19.29 -5.37 16.38
C6 NAG C . 20.34 -5.80 17.43
C7 NAG C . 16.39 -1.73 13.58
C8 NAG C . 15.01 -1.38 13.04
N2 NAG C . 16.64 -3.02 13.94
O3 NAG C . 19.13 -4.08 12.83
O4 NAG C . 20.74 -5.92 14.42
O5 NAG C . 18.51 -4.31 16.98
O6 NAG C . 21.31 -4.76 17.62
O7 NAG C . 17.25 -0.86 13.74
C1 NAG D . 1.15 -7.95 5.42
C2 NAG D . -0.33 -8.04 5.11
C3 NAG D . -1.13 -8.16 6.43
C4 NAG D . -0.67 -9.42 7.18
C5 NAG D . 0.81 -9.35 7.42
C6 NAG D . 1.31 -10.68 7.96
C7 NAG D . -1.24 -7.04 3.04
C8 NAG D . -2.19 -5.96 2.54
N2 NAG D . -0.89 -6.93 4.35
O3 NAG D . -2.53 -8.26 6.17
O4 NAG D . -1.33 -9.53 8.44
O5 NAG D . 1.57 -9.06 6.24
O6 NAG D . 2.69 -10.41 8.26
O7 NAG D . -0.89 -7.98 2.31
C1 NAG E . 27.83 10.29 31.11
C2 NAG E . 29.19 10.73 31.66
C3 NAG E . 28.98 11.88 32.63
C4 NAG E . 27.96 12.92 32.12
C5 NAG E . 26.63 12.21 31.79
C6 NAG E . 25.39 12.99 31.34
C7 NAG E . 30.66 8.76 31.48
C8 NAG E . 31.00 7.38 32.01
N2 NAG E . 29.85 9.55 32.23
O3 NAG E . 30.25 12.51 32.74
O4 NAG E . 27.78 13.93 33.13
O5 NAG E . 27.03 11.38 30.71
O6 NAG E . 25.65 13.78 30.17
O7 NAG E . 31.08 9.09 30.35
C1 NAG F . -22.73 0.36 23.47
C2 NAG F . -22.48 -1.13 23.27
C3 NAG F . -21.65 -1.44 22.02
C4 NAG F . -22.16 -0.66 20.83
C5 NAG F . -22.13 0.81 21.18
C6 NAG F . -22.51 1.65 19.96
C7 NAG F . -22.35 -2.48 25.30
C8 NAG F . -21.48 -2.96 26.43
N2 NAG F . -21.76 -1.67 24.44
O3 NAG F . -21.69 -2.84 21.75
O4 NAG F . -21.33 -0.96 19.71
O5 NAG F . -23.06 1.03 22.25
O6 NAG F . -22.30 3.03 20.29
O7 NAG F . -23.53 -2.80 25.16
C1 NAG G . -34.15 -5.87 33.29
C2 NAG G . -35.10 -7.08 33.31
C3 NAG G . -34.39 -8.34 32.84
C4 NAG G . -33.63 -8.10 31.51
C5 NAG G . -32.63 -6.95 31.67
C6 NAG G . -31.90 -6.55 30.40
C7 NAG G . -37.00 -6.88 34.93
C8 NAG G . -37.43 -7.15 36.36
N2 NAG G . -35.73 -7.29 34.61
O3 NAG G . -35.42 -9.33 32.65
O4 NAG G . -32.89 -9.28 31.16
O5 NAG G . -33.30 -5.78 32.11
O6 NAG G . -30.79 -5.69 30.81
O7 NAG G . -37.78 -6.29 34.16
C1 NAG H . -31.03 13.01 6.23
C2 NAG H . -32.41 12.39 6.12
C3 NAG H . -32.54 11.36 7.25
C4 NAG H . -31.37 10.37 7.31
C5 NAG H . -29.99 11.04 7.08
C6 NAG H . -28.82 10.10 6.77
C7 NAG H . -34.43 13.56 5.23
C8 NAG H . -35.48 14.62 5.47
N2 NAG H . -33.53 13.35 6.21
O3 NAG H . -33.76 10.63 7.03
O4 NAG H . -31.37 9.81 8.63
O5 NAG H . -30.04 11.99 6.03
O6 NAG H . -29.30 8.96 6.05
O7 NAG H . -34.39 12.95 4.17
C4 FER I . 0.76 30.57 33.24
C5 FER I . -0.30 31.35 32.79
C6 FER I . -1.58 30.86 32.89
C3 FER I . 0.55 29.23 33.81
C2 FER I . -0.74 28.78 33.90
C1 FER I . -1.75 29.60 33.42
C10 FER I . 1.78 27.07 33.93
C7 FER I . -3.04 29.03 33.59
C8 FER I . -4.21 29.63 33.46
C9 FER I . -5.23 28.66 33.85
O1 FER I . -4.75 27.50 34.11
O2 FER I . -6.44 28.97 33.98
O4 FER I . 2.03 31.03 33.18
O3 FER I . 1.62 28.46 34.26
S SO4 J . 15.46 5.40 -11.34
O1 SO4 J . 14.07 4.90 -11.49
O2 SO4 J . 16.36 4.25 -10.95
O3 SO4 J . 15.44 6.48 -10.31
O4 SO4 J . 15.98 5.95 -12.61
S SO4 K . 12.50 23.53 27.90
O1 SO4 K . 11.12 23.16 27.50
O2 SO4 K . 13.41 22.38 27.97
O3 SO4 K . 12.92 24.50 26.89
O4 SO4 K . 12.57 24.09 29.25
CA CA L . -25.90 17.09 16.37
C1 NAG M . -5.83 11.16 -16.87
C2 NAG M . -4.63 12.01 -17.20
C3 NAG M . -3.53 11.71 -16.20
C4 NAG M . -4.02 12.20 -14.86
C5 NAG M . -5.35 11.57 -14.50
C6 NAG M . -5.89 12.34 -13.30
C7 NAG M . -3.46 11.13 -19.26
C8 NAG M . -2.74 10.00 -18.59
N2 NAG M . -4.29 11.94 -18.62
O3 NAG M . -2.34 12.37 -16.61
O4 NAG M . -3.11 11.83 -13.85
O5 NAG M . -6.29 11.61 -15.58
O6 NAG M . -7.26 11.97 -13.12
O7 NAG M . -3.28 11.38 -20.44
C1 NAG N . -21.79 -22.78 0.89
C2 NAG N . -22.44 -23.49 2.07
C3 NAG N . -21.51 -24.61 2.51
C4 NAG N . -21.09 -25.59 1.39
C5 NAG N . -21.32 -25.10 -0.05
C6 NAG N . -22.57 -25.71 -0.70
C7 NAG N . -23.55 -21.64 3.24
C8 NAG N . -23.33 -20.75 4.40
N2 NAG N . -22.62 -22.58 3.18
O3 NAG N . -22.09 -25.34 3.59
O4 NAG N . -19.69 -25.90 1.52
O5 NAG N . -21.41 -23.68 -0.17
O6 NAG N . -23.64 -25.69 0.25
O7 NAG N . -24.49 -21.46 2.45
C1 NAG O . -13.29 -4.24 -5.33
C2 NAG O . -14.52 -4.05 -4.39
C3 NAG O . -15.80 -3.58 -5.13
C4 NAG O . -15.55 -2.42 -6.11
C5 NAG O . -14.42 -2.86 -7.07
C6 NAG O . -14.22 -1.80 -8.16
C7 NAG O . -14.17 -5.66 -2.55
C8 NAG O . -14.64 -6.92 -1.86
N2 NAG O . -14.86 -5.26 -3.63
O3 NAG O . -16.79 -3.21 -4.16
O4 NAG O . -16.78 -2.08 -6.79
O5 NAG O . -13.21 -3.19 -6.33
O6 NAG O . -13.08 -2.07 -8.99
O7 NAG O . -13.20 -5.02 -2.16
C1 NAG P . 25.47 -0.04 -17.65
C2 NAG P . 24.57 1.15 -17.32
C3 NAG P . 24.39 2.05 -18.54
C4 NAG P . 25.65 2.25 -19.39
C5 NAG P . 26.71 1.15 -19.29
C6 NAG P . 28.09 1.72 -19.52
C7 NAG P . 22.86 0.81 -15.55
C8 NAG P . 21.46 0.39 -15.23
N2 NAG P . 23.24 0.73 -16.84
O3 NAG P . 23.88 3.31 -18.13
O4 NAG P . 25.19 2.29 -20.76
O5 NAG P . 26.74 0.49 -18.01
O6 NAG P . 28.98 0.60 -19.60
O7 NAG P . 23.59 1.18 -14.66
C1 NAG Q . 11.06 -39.11 -2.52
C2 NAG Q . 9.58 -38.93 -2.18
C3 NAG Q . 9.21 -39.81 -0.99
C4 NAG Q . 9.46 -41.27 -1.32
C5 NAG Q . 10.91 -41.44 -1.79
C6 NAG Q . 11.20 -42.84 -2.30
C7 NAG Q . 8.76 -36.72 -2.96
C8 NAG Q . 8.47 -37.24 -4.34
N2 NAG Q . 9.26 -37.52 -2.00
O3 NAG Q . 7.82 -39.63 -0.73
O4 NAG Q . 9.15 -42.13 -0.21
O5 NAG Q . 11.21 -40.52 -2.85
O6 NAG Q . 10.31 -43.16 -3.38
O7 NAG Q . 8.56 -35.56 -2.68
C4 FER R . 4.37 -35.19 -16.03
C5 FER R . 5.02 -35.48 -17.25
C6 FER R . 6.28 -34.93 -17.51
C3 FER R . 4.99 -34.31 -15.01
C2 FER R . 6.20 -33.79 -15.31
C1 FER R . 6.80 -34.10 -16.53
C10 FER R . 3.97 -32.66 -13.53
C7 FER R . 8.06 -33.44 -16.54
C8 FER R . 9.06 -33.48 -17.38
C9 FER R . 10.09 -32.64 -16.73
O1 FER R . 11.29 -32.69 -17.06
O2 FER R . 9.68 -31.96 -15.74
O4 FER R . 3.16 -35.73 -15.73
O3 FER R . 4.45 -33.99 -13.79
S SO4 S . -8.53 -29.06 -13.13
O1 SO4 S . -9.45 -29.47 -14.22
O2 SO4 S . -8.06 -30.21 -12.36
O3 SO4 S . -9.32 -28.19 -12.16
O4 SO4 S . -7.39 -28.32 -13.77
CA CA T . 23.17 -10.59 -31.12
#